data_4D9X
# 
_entry.id   4D9X 
# 
_audit_conform.dict_name       mmcif_pdbx.dic 
_audit_conform.dict_version    5.379 
_audit_conform.dict_location   http://mmcif.pdb.org/dictionaries/ascii/mmcif_pdbx.dic 
# 
loop_
_database_2.database_id 
_database_2.database_code 
_database_2.pdbx_database_accession 
_database_2.pdbx_DOI 
PDB   4D9X         pdb_00004d9x 10.2210/pdb4d9x/pdb 
NDB   NA1540       ?            ?                   
RCSB  RCSB070066   ?            ?                   
WWPDB D_1000070066 ?            ?                   
# 
loop_
_pdbx_database_related.db_name 
_pdbx_database_related.db_id 
_pdbx_database_related.details 
_pdbx_database_related.content_type 
PDB 3NP6 'The same sequence complexed with Berberine'     unspecified 
PDB 3NX5 'The same sequence complexed with Sanguinarine'  unspecified 
PDB 4D9Y 'The same sequence complexed with Chelerythrine' unspecified 
# 
_pdbx_database_status.entry_id                        4D9X 
_pdbx_database_status.status_code                     REL 
_pdbx_database_status.deposit_site                    RCSB 
_pdbx_database_status.process_site                    RCSB 
_pdbx_database_status.recvd_initial_deposition_date   2012-01-12 
_pdbx_database_status.status_code_sf                  REL 
_pdbx_database_status.status_code_mr                  ? 
_pdbx_database_status.SG_entry                        ? 
_pdbx_database_status.status_code_cs                  ? 
_pdbx_database_status.methods_development_category    ? 
_pdbx_database_status.pdb_format_compatible           Y 
_pdbx_database_status.status_code_nmr_data            ? 
# 
loop_
_audit_author.name 
_audit_author.pdbx_ordinal 
'Ferraroni, M.'   1 
'Bazzicalupi, C.' 2 
'Gratteri, P.'    3 
'Bilia, A.R.'     4 
# 
_citation.id                        primary 
_citation.title                     'The crystal structure of Coptisine bound to DNA d(CGTACG)' 
_citation.journal_abbrev            'to be published' 
_citation.journal_volume            ? 
_citation.page_first                ? 
_citation.page_last                 ? 
_citation.year                      ? 
_citation.journal_id_ASTM           ? 
_citation.country                   ? 
_citation.journal_id_ISSN           ? 
_citation.journal_id_CSD            0353 
_citation.book_publisher            ? 
_citation.pdbx_database_id_PubMed   ? 
_citation.pdbx_database_id_DOI      ? 
# 
loop_
_citation_author.citation_id 
_citation_author.name 
_citation_author.ordinal 
_citation_author.identifier_ORCID 
primary 'Ferraroni, M.'   1 ? 
primary 'Bazzicalupi, C.' 2 ? 
primary 'Gratteri, P.'    3 ? 
primary 'Bilia, A.R.'     4 ? 
# 
_cell.length_a           30.282 
_cell.length_b           30.282 
_cell.length_c           118.330 
_cell.angle_alpha        90.000 
_cell.angle_beta         90.000 
_cell.angle_gamma        120.000 
_cell.entry_id           4D9X 
_cell.pdbx_unique_axis   ? 
_cell.Z_PDB              24 
_cell.length_a_esd       ? 
_cell.length_b_esd       ? 
_cell.length_c_esd       ? 
_cell.angle_alpha_esd    ? 
_cell.angle_beta_esd     ? 
_cell.angle_gamma_esd    ? 
# 
_symmetry.space_group_name_H-M             'P 32 2 1' 
_symmetry.entry_id                         4D9X 
_symmetry.Int_Tables_number                154 
_symmetry.pdbx_full_space_group_name_H-M   ? 
_symmetry.cell_setting                     ? 
_symmetry.space_group_name_Hall            ? 
# 
loop_
_entity.id 
_entity.type 
_entity.src_method 
_entity.pdbx_description 
_entity.formula_weight 
_entity.pdbx_number_of_molecules 
_entity.pdbx_ec 
_entity.pdbx_mutation 
_entity.pdbx_fragment 
_entity.details 
1 polymer     syn 
;DNA (5'-D(*CP*GP*TP*AP*CP*G)-3')
;
1809.217 4  ? ? ? ? 
2 non-polymer syn 'CALCIUM ION'                                                                     40.078   1  ? ? ? ? 
3 non-polymer syn '6,7-dihydro[1,3]dioxolo[4,5-g][1,3]dioxolo[7,8]isoquino[3,2-a]isoquinolin-5-ium' 320.319  1  ? ? ? ? 
4 water       nat water                                                                             18.015   15 ? ? ? ? 
# 
_entity_poly.entity_id                      1 
_entity_poly.type                           polydeoxyribonucleotide 
_entity_poly.nstd_linkage                   no 
_entity_poly.nstd_monomer                   no 
_entity_poly.pdbx_seq_one_letter_code       '(DC)(DG)(DT)(DA)(DC)(DG)' 
_entity_poly.pdbx_seq_one_letter_code_can   CGTACG 
_entity_poly.pdbx_strand_id                 A,B,C,D 
_entity_poly.pdbx_target_identifier         ? 
# 
loop_
_entity_poly_seq.entity_id 
_entity_poly_seq.num 
_entity_poly_seq.mon_id 
_entity_poly_seq.hetero 
1 1 DC n 
1 2 DG n 
1 3 DT n 
1 4 DA n 
1 5 DC n 
1 6 DG n 
# 
_struct_ref.id                         1 
_struct_ref.db_name                    PDB 
_struct_ref.db_code                    4D9X 
_struct_ref.pdbx_db_accession          4D9X 
_struct_ref.entity_id                  1 
_struct_ref.pdbx_seq_one_letter_code   CGTACG 
_struct_ref.pdbx_align_begin           ? 
_struct_ref.pdbx_db_isoform            ? 
# 
loop_
_struct_ref_seq.align_id 
_struct_ref_seq.ref_id 
_struct_ref_seq.pdbx_PDB_id_code 
_struct_ref_seq.pdbx_strand_id 
_struct_ref_seq.seq_align_beg 
_struct_ref_seq.pdbx_seq_align_beg_ins_code 
_struct_ref_seq.seq_align_end 
_struct_ref_seq.pdbx_seq_align_end_ins_code 
_struct_ref_seq.pdbx_db_accession 
_struct_ref_seq.db_align_beg 
_struct_ref_seq.pdbx_db_align_beg_ins_code 
_struct_ref_seq.db_align_end 
_struct_ref_seq.pdbx_db_align_end_ins_code 
_struct_ref_seq.pdbx_auth_seq_align_beg 
_struct_ref_seq.pdbx_auth_seq_align_end 
1 1 4D9X A 1 ? 6 ? 4D9X 1 ? 6  ? 1 6  
2 1 4D9X B 1 ? 6 ? 4D9X 7 ? 12 ? 7 12 
3 1 4D9X C 1 ? 6 ? 4D9X 1 ? 6  ? 1 6  
4 1 4D9X D 1 ? 6 ? 4D9X 7 ? 12 ? 7 12 
# 
loop_
_chem_comp.id 
_chem_comp.type 
_chem_comp.mon_nstd_flag 
_chem_comp.name 
_chem_comp.pdbx_synonyms 
_chem_comp.formula 
_chem_comp.formula_weight 
CA  non-polymer   . 'CALCIUM ION'                                                                     ?         'Ca 2'            
40.078  
DA  'DNA linking' y "2'-DEOXYADENOSINE-5'-MONOPHOSPHATE"                                              ?         'C10 H14 N5 O6 P' 
331.222 
DC  'DNA linking' y "2'-DEOXYCYTIDINE-5'-MONOPHOSPHATE"                                               ?         'C9 H14 N3 O7 P'  
307.197 
DG  'DNA linking' y "2'-DEOXYGUANOSINE-5'-MONOPHOSPHATE"                                              ?         'C10 H14 N5 O7 P' 
347.221 
DT  'DNA linking' y "THYMIDINE-5'-MONOPHOSPHATE"                                                      ?         'C10 H15 N2 O8 P' 
322.208 
HOH non-polymer   . WATER                                                                             ?         'H2 O'            
18.015  
KPT non-polymer   . '6,7-dihydro[1,3]dioxolo[4,5-g][1,3]dioxolo[7,8]isoquino[3,2-a]isoquinolin-5-ium' Coptisine 'C19 H14 N O4 1'  
320.319 
# 
_exptl.crystals_number   1 
_exptl.entry_id          4D9X 
_exptl.method            'X-RAY DIFFRACTION' 
# 
_exptl_crystal.id                    1 
_exptl_crystal.density_Matthews      2.16 
_exptl_crystal.density_meas          ? 
_exptl_crystal.density_percent_sol   43.16 
_exptl_crystal.description           ? 
_exptl_crystal.F_000                 ? 
_exptl_crystal.preparation           ? 
# 
_exptl_crystal_grow.crystal_id      1 
_exptl_crystal_grow.method          'VAPOR DIFFUSION' 
_exptl_crystal_grow.pH              6.0 
_exptl_crystal_grow.temp            296 
_exptl_crystal_grow.pdbx_details    'MPD, MgCl2, KCl, spermine, pH 6.0, VAPOR DIFFUSION, temperature 296K' 
_exptl_crystal_grow.temp_details    ? 
_exptl_crystal_grow.pdbx_pH_range   ? 
# 
_diffrn.id                     1 
_diffrn.ambient_temp           100 
_diffrn.ambient_temp_details   ? 
_diffrn.crystal_id             1 
# 
_diffrn_detector.diffrn_id              1 
_diffrn_detector.detector               CCD 
_diffrn_detector.type                   OXFORD 
_diffrn_detector.pdbx_collection_date   2010-08-09 
_diffrn_detector.details                'OXFORD ONYX CCD' 
# 
_diffrn_radiation.diffrn_id                        1 
_diffrn_radiation.pdbx_diffrn_protocol             'SINGLE WAVELENGTH' 
_diffrn_radiation.monochromator                    ? 
_diffrn_radiation.wavelength_id                    1 
_diffrn_radiation.pdbx_monochromatic_or_laue_m_l   M 
_diffrn_radiation.pdbx_scattering_type             x-ray 
# 
_diffrn_radiation_wavelength.id           1 
_diffrn_radiation_wavelength.wavelength   1.542 
_diffrn_radiation_wavelength.wt           1.0 
# 
_diffrn_source.diffrn_id                   1 
_diffrn_source.source                      'SEALED TUBE' 
_diffrn_source.type                        'OXFORD DIFFRACTION ENHANCE ULTRA' 
_diffrn_source.pdbx_wavelength_list        1.542 
_diffrn_source.pdbx_wavelength             ? 
_diffrn_source.pdbx_synchrotron_site       ? 
_diffrn_source.pdbx_synchrotron_beamline   ? 
# 
_reflns.entry_id                     4D9X 
_reflns.d_resolution_high            2.440 
_reflns.number_obs                   2642 
_reflns.pdbx_Rmerge_I_obs            0.108 
_reflns.pdbx_netI_over_sigmaI        17.480 
_reflns.percent_possible_obs         99.500 
_reflns.B_iso_Wilson_estimate        43.967 
_reflns.observed_criterion_sigma_I   -3.000 
_reflns.observed_criterion_sigma_F   ? 
_reflns.d_resolution_low             30.0 
_reflns.number_all                   ? 
_reflns.pdbx_redundancy              ? 
_reflns.R_free_details               ? 
_reflns.limit_h_max                  ? 
_reflns.limit_h_min                  ? 
_reflns.limit_k_max                  ? 
_reflns.limit_k_min                  ? 
_reflns.limit_l_max                  ? 
_reflns.limit_l_min                  ? 
_reflns.observed_criterion_F_max     ? 
_reflns.observed_criterion_F_min     ? 
_reflns.pdbx_chi_squared             ? 
_reflns.pdbx_scaling_rejects         ? 
_reflns.pdbx_ordinal                 1 
_reflns.pdbx_diffrn_id               1 
_reflns.pdbx_Rsym_value              ? 
# 
loop_
_reflns_shell.d_res_high 
_reflns_shell.d_res_low 
_reflns_shell.number_measured_obs 
_reflns_shell.number_measured_all 
_reflns_shell.number_unique_obs 
_reflns_shell.Rmerge_I_obs 
_reflns_shell.meanI_over_sigI_obs 
_reflns_shell.pdbx_Rsym_value 
_reflns_shell.pdbx_chi_squared 
_reflns_shell.pdbx_redundancy 
_reflns_shell.percent_possible_obs 
_reflns_shell.number_unique_all 
_reflns_shell.percent_possible_all 
_reflns_shell.pdbx_ordinal 
_reflns_shell.pdbx_diffrn_id 
2.440 2.590 5437 ? 404 0.611 4.010  ? ? ? ? ? 97.300  1 1 
2.590 2.770 5829 ? 398 0.352 7.200  ? ? ? ? ? 100.000 2 1 
2.770 2.990 5067 ? 351 0.256 9.780  ? ? ? ? ? 100.000 3 1 
2.990 3.270 4732 ? 328 0.123 18.290 ? ? ? ? ? 100.000 4 1 
3.270 3.640 4258 ? 306 0.092 25.430 ? ? ? ? ? 100.000 5 1 
3.640 4.190 3748 ? 281 0.085 28.210 ? ? ? ? ? 100.000 6 1 
4.190 5.110 3277 ? 245 0.077 28.350 ? ? ? ? ? 100.000 7 1 
5.110 7.090 2459 ? 193 0.072 29.500 ? ? ? ? ? 100.000 8 1 
7.090 30.0  1462 ? 136 0.067 28.820 ? ? ? ? ? 99.300  9 1 
# 
_refine.entry_id                                 4D9X 
_refine.ls_d_res_high                            2.4400 
_refine.ls_d_res_low                             30.0 
_refine.pdbx_ls_sigma_F                          0.000 
_refine.pdbx_data_cutoff_high_absF               ? 
_refine.pdbx_data_cutoff_low_absF                ? 
_refine.ls_percent_reflns_obs                    99.5100 
_refine.ls_number_reflns_obs                     2641 
_refine.ls_number_reflns_all                     ? 
_refine.pdbx_ls_cross_valid_method               THROUGHOUT 
_refine.pdbx_R_Free_selection_details            RANDOM 
_refine.details                                  'Used twin refinement twin fraction 0.204' 
_refine.ls_R_factor_obs                          0.2659 
_refine.ls_R_factor_R_work                       0.2614 
_refine.ls_wR_factor_R_work                      0.2595 
_refine.ls_R_factor_R_free                       0.3074 
_refine.ls_wR_factor_R_free                      0.3123 
_refine.ls_percent_reflns_R_free                 9.6000 
_refine.ls_number_reflns_R_free                  254 
_refine.ls_R_factor_R_free_error                 ? 
_refine.B_iso_mean                               24.6741 
_refine.solvent_model_param_bsol                 ? 
_refine.solvent_model_param_ksol                 ? 
_refine.pdbx_isotropic_thermal_model             ? 
_refine.aniso_B[1][1]                            ? 
_refine.aniso_B[2][2]                            ? 
_refine.aniso_B[3][3]                            ? 
_refine.aniso_B[1][2]                            ? 
_refine.aniso_B[1][3]                            ? 
_refine.aniso_B[2][3]                            ? 
_refine.correlation_coeff_Fo_to_Fc               0.8990 
_refine.correlation_coeff_Fo_to_Fc_free          0.8820 
_refine.overall_SU_R_Cruickshank_DPI             0.1476 
_refine.overall_SU_R_free                        0.0734 
_refine.pdbx_overall_ESU_R                       0.1480 
_refine.pdbx_overall_ESU_R_Free                  0.0730 
_refine.overall_SU_ML                            0.1190 
_refine.overall_SU_B                             ? 
_refine.solvent_model_details                    MASK 
_refine.pdbx_solvent_vdw_probe_radii             1.4000 
_refine.pdbx_solvent_ion_probe_radii             0.8000 
_refine.pdbx_solvent_shrinkage_radii             0.8000 
_refine.ls_number_parameters                     ? 
_refine.ls_number_restraints                     ? 
_refine.pdbx_starting_model                      'PDB ENTRY 3NP6' 
_refine.pdbx_method_to_determine_struct          'MOLECULAR REPLACEMENT' 
_refine.pdbx_stereochemistry_target_values       'MAXIMUM LIKELIHOOD' 
_refine.pdbx_stereochem_target_val_spec_case     ? 
_refine.overall_FOM_work_R_set                   0.7534 
_refine.B_iso_max                                45.380 
_refine.B_iso_min                                2.000 
_refine.pdbx_overall_phase_error                 ? 
_refine.occupancy_max                            1.000 
_refine.occupancy_min                            1.000 
_refine.pdbx_ls_sigma_I                          ? 
_refine.ls_redundancy_reflns_obs                 ? 
_refine.ls_R_factor_R_free_error_details         ? 
_refine.pdbx_data_cutoff_high_rms_absF           ? 
_refine.overall_FOM_free_R_set                   ? 
_refine.pdbx_diffrn_id                           1 
_refine.pdbx_refine_id                           'X-RAY DIFFRACTION' 
_refine.ls_R_factor_all                          ? 
_refine.pdbx_TLS_residual_ADP_flag               ? 
_refine.pdbx_overall_SU_R_free_Cruickshank_DPI   ? 
_refine.pdbx_overall_SU_R_Blow_DPI               ? 
_refine.pdbx_overall_SU_R_free_Blow_DPI          ? 
# 
_refine_hist.pdbx_refine_id                   'X-RAY DIFFRACTION' 
_refine_hist.cycle_id                         LAST 
_refine_hist.pdbx_number_atoms_protein        0 
_refine_hist.pdbx_number_atoms_nucleic_acid   450 
_refine_hist.pdbx_number_atoms_ligand         25 
_refine_hist.number_atoms_solvent             15 
_refine_hist.number_atoms_total               490 
_refine_hist.d_res_high                       2.4400 
_refine_hist.d_res_low                        30.0 
# 
loop_
_refine_ls_restr.pdbx_refine_id 
_refine_ls_restr.type 
_refine_ls_restr.number 
_refine_ls_restr.dev_ideal 
_refine_ls_restr.dev_ideal_target 
_refine_ls_restr.weight 
_refine_ls_restr.pdbx_restraint_function 
'X-RAY DIFFRACTION' r_bond_refined_d             531 0.008 0.021 ? ? 
'X-RAY DIFFRACTION' r_bond_other_d               ?   ?     ?     ? ? 
'X-RAY DIFFRACTION' r_angle_refined_deg          814 1.955 3.000 ? ? 
'X-RAY DIFFRACTION' r_angle_other_deg            ?   ?     ?     ? ? 
'X-RAY DIFFRACTION' r_dihedral_angle_1_deg       ?   ?     ?     ? ? 
'X-RAY DIFFRACTION' r_dihedral_angle_2_deg       ?   ?     ?     ? ? 
'X-RAY DIFFRACTION' r_dihedral_angle_3_deg       ?   ?     ?     ? ? 
'X-RAY DIFFRACTION' r_dihedral_angle_4_deg       ?   ?     ?     ? ? 
'X-RAY DIFFRACTION' r_chiral_restr               ?   ?     ?     ? ? 
'X-RAY DIFFRACTION' r_gen_planes_refined         258 0.005 0.020 ? ? 
'X-RAY DIFFRACTION' r_gen_planes_other           ?   ?     ?     ? ? 
'X-RAY DIFFRACTION' r_nbd_refined                ?   ?     ?     ? ? 
'X-RAY DIFFRACTION' r_nbd_other                  ?   ?     ?     ? ? 
'X-RAY DIFFRACTION' r_nbtor_refined              ?   ?     ?     ? ? 
'X-RAY DIFFRACTION' r_nbtor_other                ?   ?     ?     ? ? 
'X-RAY DIFFRACTION' r_xyhbond_nbd_refined        ?   ?     ?     ? ? 
'X-RAY DIFFRACTION' r_xyhbond_nbd_other          ?   ?     ?     ? ? 
'X-RAY DIFFRACTION' r_metal_ion_refined          ?   ?     ?     ? ? 
'X-RAY DIFFRACTION' r_metal_ion_other            ?   ?     ?     ? ? 
'X-RAY DIFFRACTION' r_symmetry_vdw_refined       ?   ?     ?     ? ? 
'X-RAY DIFFRACTION' r_symmetry_vdw_other         ?   ?     ?     ? ? 
'X-RAY DIFFRACTION' r_symmetry_hbond_refined     ?   ?     ?     ? ? 
'X-RAY DIFFRACTION' r_symmetry_hbond_other       ?   ?     ?     ? ? 
'X-RAY DIFFRACTION' r_symmetry_metal_ion_refined ?   ?     ?     ? ? 
'X-RAY DIFFRACTION' r_symmetry_metal_ion_other   ?   ?     ?     ? ? 
'X-RAY DIFFRACTION' r_mcbond_it                  ?   ?     ?     ? ? 
'X-RAY DIFFRACTION' r_mcbond_other               ?   ?     ?     ? ? 
'X-RAY DIFFRACTION' r_mcangle_it                 ?   ?     ?     ? ? 
'X-RAY DIFFRACTION' r_scbond_it                  ?   ?     ?     ? ? 
'X-RAY DIFFRACTION' r_scangle_it                 ?   ?     ?     ? ? 
'X-RAY DIFFRACTION' r_rigid_bond_restr           ?   ?     ?     ? ? 
'X-RAY DIFFRACTION' r_sphericity_free            ?   ?     ?     ? ? 
'X-RAY DIFFRACTION' r_sphericity_bonded          ?   ?     ?     ? ? 
# 
_refine_ls_shell.d_res_high                       2.440 
_refine_ls_shell.d_res_low                        2.5060 
_refine_ls_shell.pdbx_total_number_of_bins_used   20 
_refine_ls_shell.percent_reflns_obs               94.0600 
_refine_ls_shell.number_reflns_R_work             175 
_refine_ls_shell.R_factor_all                     ? 
_refine_ls_shell.R_factor_R_work                  0.4880 
_refine_ls_shell.R_factor_R_free                  0.7340 
_refine_ls_shell.percent_reflns_R_free            ? 
_refine_ls_shell.number_reflns_R_free             15 
_refine_ls_shell.R_factor_R_free_error            ? 
_refine_ls_shell.number_reflns_all                190 
_refine_ls_shell.number_reflns_obs                ? 
_refine_ls_shell.redundancy_reflns_obs            ? 
_refine_ls_shell.pdbx_refine_id                   'X-RAY DIFFRACTION' 
# 
_struct.entry_id                  4D9X 
_struct.title                     'The crystal structure of Coptisine bound to DNA d(CGTACG)' 
_struct.pdbx_model_details        ? 
_struct.pdbx_CASP_flag            ? 
_struct.pdbx_model_type_details   ? 
# 
_struct_keywords.entry_id        4D9X 
_struct_keywords.text            'DRUG-DNA COMPLEX, DOUBLE HELIX, DNA' 
_struct_keywords.pdbx_keywords   DNA 
# 
loop_
_struct_asym.id 
_struct_asym.pdbx_blank_PDB_chainid_flag 
_struct_asym.pdbx_modified 
_struct_asym.entity_id 
_struct_asym.details 
A N N 1 ? 
B N N 1 ? 
C N N 1 ? 
D N N 1 ? 
E N N 2 ? 
F N N 3 ? 
G N N 4 ? 
H N N 4 ? 
I N N 4 ? 
J N N 4 ? 
# 
_struct_biol.id        1 
_struct_biol.details   ? 
# 
loop_
_struct_conn.id 
_struct_conn.conn_type_id 
_struct_conn.pdbx_leaving_atom_flag 
_struct_conn.pdbx_PDB_id 
_struct_conn.ptnr1_label_asym_id 
_struct_conn.ptnr1_label_comp_id 
_struct_conn.ptnr1_label_seq_id 
_struct_conn.ptnr1_label_atom_id 
_struct_conn.pdbx_ptnr1_label_alt_id 
_struct_conn.pdbx_ptnr1_PDB_ins_code 
_struct_conn.pdbx_ptnr1_standard_comp_id 
_struct_conn.ptnr1_symmetry 
_struct_conn.ptnr2_label_asym_id 
_struct_conn.ptnr2_label_comp_id 
_struct_conn.ptnr2_label_seq_id 
_struct_conn.ptnr2_label_atom_id 
_struct_conn.pdbx_ptnr2_label_alt_id 
_struct_conn.pdbx_ptnr2_PDB_ins_code 
_struct_conn.ptnr1_auth_asym_id 
_struct_conn.ptnr1_auth_comp_id 
_struct_conn.ptnr1_auth_seq_id 
_struct_conn.ptnr2_auth_asym_id 
_struct_conn.ptnr2_auth_comp_id 
_struct_conn.ptnr2_auth_seq_id 
_struct_conn.ptnr2_symmetry 
_struct_conn.pdbx_ptnr3_label_atom_id 
_struct_conn.pdbx_ptnr3_label_seq_id 
_struct_conn.pdbx_ptnr3_label_comp_id 
_struct_conn.pdbx_ptnr3_label_asym_id 
_struct_conn.pdbx_ptnr3_label_alt_id 
_struct_conn.pdbx_ptnr3_PDB_ins_code 
_struct_conn.details 
_struct_conn.pdbx_dist_value 
_struct_conn.pdbx_value_order 
_struct_conn.pdbx_role 
metalc1  metalc ? ? B DG 6 OP1 ? ? ? 1_555 E CA . CA  ? ? B DG 12  B CA 101 1_555 ? ? ? ? ? ? ?            2.198 ? ? 
metalc2  metalc ? ? E CA . CA  ? ? ? 1_555 D DG 6 OP1 ? ? B CA 101 D DG 12  1_555 ? ? ? ? ? ? ?            3.059 ? ? 
hydrog1  hydrog ? ? A DG 2 N1  ? ? ? 1_555 B DC 5 N3  ? ? A DG 2   B DC 11  1_555 ? ? ? ? ? ? WATSON-CRICK ?     ? ? 
hydrog2  hydrog ? ? A DG 2 N2  ? ? ? 1_555 B DC 5 O2  ? ? A DG 2   B DC 11  1_555 ? ? ? ? ? ? WATSON-CRICK ?     ? ? 
hydrog3  hydrog ? ? A DG 2 O6  ? ? ? 1_555 B DC 5 N4  ? ? A DG 2   B DC 11  1_555 ? ? ? ? ? ? WATSON-CRICK ?     ? ? 
hydrog4  hydrog ? ? A DT 3 N3  ? ? ? 1_555 B DA 4 N1  ? ? A DT 3   B DA 10  1_555 ? ? ? ? ? ? WATSON-CRICK ?     ? ? 
hydrog5  hydrog ? ? A DT 3 O4  ? ? ? 1_555 B DA 4 N6  ? ? A DT 3   B DA 10  1_555 ? ? ? ? ? ? WATSON-CRICK ?     ? ? 
hydrog6  hydrog ? ? A DA 4 N1  ? ? ? 1_555 B DT 3 N3  ? ? A DA 4   B DT 9   1_555 ? ? ? ? ? ? WATSON-CRICK ?     ? ? 
hydrog7  hydrog ? ? A DA 4 N6  ? ? ? 1_555 B DT 3 O4  ? ? A DA 4   B DT 9   1_555 ? ? ? ? ? ? WATSON-CRICK ?     ? ? 
hydrog8  hydrog ? ? A DC 5 N3  ? ? ? 1_555 B DG 2 N1  ? ? A DC 5   B DG 8   1_555 ? ? ? ? ? ? WATSON-CRICK ?     ? ? 
hydrog9  hydrog ? ? A DC 5 N4  ? ? ? 1_555 B DG 2 O6  ? ? A DC 5   B DG 8   1_555 ? ? ? ? ? ? WATSON-CRICK ?     ? ? 
hydrog10 hydrog ? ? A DC 5 O2  ? ? ? 1_555 B DG 2 N2  ? ? A DC 5   B DG 8   1_555 ? ? ? ? ? ? WATSON-CRICK ?     ? ? 
hydrog11 hydrog ? ? B DG 6 N2  ? ? ? 1_555 C DG 2 N3  ? ? B DG 12  C DG 2   1_555 ? ? ? ? ? ? TYPE_4_PAIR  ?     ? ? 
hydrog12 hydrog ? ? B DG 6 N3  ? ? ? 1_555 C DG 2 N2  ? ? B DG 12  C DG 2   1_555 ? ? ? ? ? ? TYPE_4_PAIR  ?     ? ? 
hydrog13 hydrog ? ? C DG 2 N1  ? ? ? 1_555 D DC 5 N3  ? ? C DG 2   D DC 11  1_555 ? ? ? ? ? ? WATSON-CRICK ?     ? ? 
hydrog14 hydrog ? ? C DG 2 N2  ? ? ? 1_555 D DC 5 O2  ? ? C DG 2   D DC 11  1_555 ? ? ? ? ? ? WATSON-CRICK ?     ? ? 
hydrog15 hydrog ? ? C DG 2 O6  ? ? ? 1_555 D DC 5 N4  ? ? C DG 2   D DC 11  1_555 ? ? ? ? ? ? WATSON-CRICK ?     ? ? 
hydrog16 hydrog ? ? C DT 3 N3  ? ? ? 1_555 D DA 4 N1  ? ? C DT 3   D DA 10  1_555 ? ? ? ? ? ? WATSON-CRICK ?     ? ? 
hydrog17 hydrog ? ? C DT 3 O4  ? ? ? 1_555 D DA 4 N6  ? ? C DT 3   D DA 10  1_555 ? ? ? ? ? ? WATSON-CRICK ?     ? ? 
hydrog18 hydrog ? ? C DA 4 N1  ? ? ? 1_555 D DT 3 N3  ? ? C DA 4   D DT 9   1_555 ? ? ? ? ? ? WATSON-CRICK ?     ? ? 
hydrog19 hydrog ? ? C DA 4 N6  ? ? ? 1_555 D DT 3 O4  ? ? C DA 4   D DT 9   1_555 ? ? ? ? ? ? WATSON-CRICK ?     ? ? 
hydrog20 hydrog ? ? C DC 5 N3  ? ? ? 1_555 D DG 2 N1  ? ? C DC 5   D DG 8   1_555 ? ? ? ? ? ? WATSON-CRICK ?     ? ? 
hydrog21 hydrog ? ? C DC 5 N4  ? ? ? 1_555 D DG 2 O6  ? ? C DC 5   D DG 8   1_555 ? ? ? ? ? ? WATSON-CRICK ?     ? ? 
hydrog22 hydrog ? ? C DC 5 O2  ? ? ? 1_555 D DG 2 N2  ? ? C DC 5   D DG 8   1_555 ? ? ? ? ? ? WATSON-CRICK ?     ? ? 
# 
loop_
_struct_conn_type.id 
_struct_conn_type.criteria 
_struct_conn_type.reference 
metalc ? ? 
hydrog ? ? 
# 
loop_
_struct_site.id 
_struct_site.pdbx_evidence_code 
_struct_site.pdbx_auth_asym_id 
_struct_site.pdbx_auth_comp_id 
_struct_site.pdbx_auth_seq_id 
_struct_site.pdbx_auth_ins_code 
_struct_site.pdbx_num_residues 
_struct_site.details 
AC1 Software B CA  101 ? 3 'BINDING SITE FOR RESIDUE CA B 101'  
AC2 Software C KPT 101 ? 9 'BINDING SITE FOR RESIDUE KPT C 101' 
# 
loop_
_struct_site_gen.id 
_struct_site_gen.site_id 
_struct_site_gen.pdbx_num_res 
_struct_site_gen.label_comp_id 
_struct_site_gen.label_asym_id 
_struct_site_gen.label_seq_id 
_struct_site_gen.pdbx_auth_ins_code 
_struct_site_gen.auth_comp_id 
_struct_site_gen.auth_asym_id 
_struct_site_gen.auth_seq_id 
_struct_site_gen.label_atom_id 
_struct_site_gen.label_alt_id 
_struct_site_gen.symmetry 
_struct_site_gen.details 
1  AC1 3 DG B 6 ? DG B 12 . ? 1_555 ? 
2  AC1 3 DG D 6 ? DG D 12 . ? 5_555 ? 
3  AC1 3 DG D 6 ? DG D 12 . ? 1_555 ? 
4  AC2 9 DC A 5 ? DC A 5  . ? 1_455 ? 
5  AC2 9 DG A 6 ? DG A 6  . ? 1_455 ? 
6  AC2 9 DC B 1 ? DC B 7  . ? 4_545 ? 
7  AC2 9 DG B 2 ? DG B 8  . ? 1_455 ? 
8  AC2 9 DC C 5 ? DC C 5  . ? 1_555 ? 
9  AC2 9 DG C 6 ? DG C 6  . ? 1_555 ? 
10 AC2 9 DC D 1 ? DC D 7  . ? 4_555 ? 
11 AC2 9 DG D 2 ? DG D 8  . ? 4_555 ? 
12 AC2 9 DG D 2 ? DG D 8  . ? 1_555 ? 
# 
_atom_sites.entry_id                    4D9X 
_atom_sites.fract_transf_matrix[1][1]   0.01220905 
_atom_sites.fract_transf_matrix[1][2]   0.00726033 
_atom_sites.fract_transf_matrix[1][3]   0.03538725 
_atom_sites.fract_transf_matrix[2][1]   0.03520949 
_atom_sites.fract_transf_matrix[2][2]   -0.01021071 
_atom_sites.fract_transf_matrix[2][3]   0.01049201 
_atom_sites.fract_transf_matrix[3][1]   0.00293619 
_atom_sites.fract_transf_matrix[3][2]   0.00750228 
_atom_sites.fract_transf_matrix[3][3]   -0.00255225 
_atom_sites.fract_transf_vector[1]      0.289069 
_atom_sites.fract_transf_vector[2]      -0.163551 
_atom_sites.fract_transf_vector[3]      0.083997 
# 
loop_
_atom_type.symbol 
C  
CA 
N  
O  
P  
# 
loop_
_atom_site.group_PDB 
_atom_site.id 
_atom_site.type_symbol 
_atom_site.label_atom_id 
_atom_site.label_alt_id 
_atom_site.label_comp_id 
_atom_site.label_asym_id 
_atom_site.label_entity_id 
_atom_site.label_seq_id 
_atom_site.pdbx_PDB_ins_code 
_atom_site.Cartn_x 
_atom_site.Cartn_y 
_atom_site.Cartn_z 
_atom_site.occupancy 
_atom_site.B_iso_or_equiv 
_atom_site.pdbx_formal_charge 
_atom_site.auth_seq_id 
_atom_site.auth_comp_id 
_atom_site.auth_asym_id 
_atom_site.auth_atom_id 
_atom_site.pdbx_PDB_model_num 
ATOM   1   O  "O3'" . DC  A 1 1 ? 2.839   -7.793  4.853   1.00 32.44 ? 1   DC  A "O3'" 1 
ATOM   2   P  P     . DG  A 1 2 ? 3.669   -8.330  3.589   1.00 32.83 ? 2   DG  A P     1 
ATOM   3   O  OP1   . DG  A 1 2 ? 2.715   -8.800  2.546   1.00 32.46 ? 2   DG  A OP1   1 
ATOM   4   O  OP2   . DG  A 1 2 ? 4.719   -9.237  4.111   1.00 32.44 ? 2   DG  A OP2   1 
ATOM   5   O  "O5'" . DG  A 1 2 ? 4.344   -6.988  3.044   1.00 31.13 ? 2   DG  A "O5'" 1 
ATOM   6   C  "C5'" . DG  A 1 2 ? 5.748   -6.863  2.867   1.00 28.38 ? 2   DG  A "C5'" 1 
ATOM   7   C  "C4'" . DG  A 1 2 ? 6.090   -5.387  2.864   1.00 25.12 ? 2   DG  A "C4'" 1 
ATOM   8   O  "O4'" . DG  A 1 2 ? 4.950   -4.621  2.406   1.00 22.36 ? 2   DG  A "O4'" 1 
ATOM   9   C  "C3'" . DG  A 1 2 ? 6.448   -4.845  4.233   1.00 24.64 ? 2   DG  A "C3'" 1 
ATOM   10  O  "O3'" . DG  A 1 2 ? 7.627   -4.073  4.090   1.00 26.45 ? 2   DG  A "O3'" 1 
ATOM   11  C  "C2'" . DG  A 1 2 ? 5.228   -4.018  4.644   1.00 23.30 ? 2   DG  A "C2'" 1 
ATOM   12  C  "C1'" . DG  A 1 2 ? 4.699   -3.553  3.294   1.00 21.30 ? 2   DG  A "C1'" 1 
ATOM   13  N  N9    . DG  A 1 2 ? 3.270   -3.253  3.249   1.00 16.88 ? 2   DG  A N9    1 
ATOM   14  C  C8    . DG  A 1 2 ? 2.236   -4.138  3.405   1.00 16.64 ? 2   DG  A C8    1 
ATOM   15  N  N7    . DG  A 1 2 ? 1.057   -3.588  3.305   1.00 16.40 ? 2   DG  A N7    1 
ATOM   16  C  C5    . DG  A 1 2 ? 1.322   -2.251  3.049   1.00 14.74 ? 2   DG  A C5    1 
ATOM   17  C  C6    . DG  A 1 2 ? 0.433   -1.162  2.843   1.00 13.17 ? 2   DG  A C6    1 
ATOM   18  O  O6    . DG  A 1 2 ? -0.812  -1.176  2.843   1.00 10.96 ? 2   DG  A O6    1 
ATOM   19  N  N1    . DG  A 1 2 ? 1.118   0.036   2.610   1.00 9.99  ? 2   DG  A N1    1 
ATOM   20  C  C2    . DG  A 1 2 ? 2.478   0.169   2.592   1.00 11.14 ? 2   DG  A C2    1 
ATOM   21  N  N2    . DG  A 1 2 ? 2.941   1.405   2.362   1.00 10.87 ? 2   DG  A N2    1 
ATOM   22  N  N3    . DG  A 1 2 ? 3.330   -0.840  2.781   1.00 14.70 ? 2   DG  A N3    1 
ATOM   23  C  C4    . DG  A 1 2 ? 2.684   -2.027  3.006   1.00 16.20 ? 2   DG  A C4    1 
ATOM   24  P  P     . DT  A 1 3 ? 8.706   -4.024  5.267   1.00 28.20 ? 3   DT  A P     1 
ATOM   25  O  OP1   . DT  A 1 3 ? 10.051  -4.252  4.690   1.00 28.56 ? 3   DT  A OP1   1 
ATOM   26  O  OP2   . DT  A 1 3 ? 8.220   -4.925  6.341   1.00 26.93 ? 3   DT  A OP2   1 
ATOM   27  O  "O5'" . DT  A 1 3 ? 8.619   -2.491  5.765   1.00 29.31 ? 3   DT  A "O5'" 1 
ATOM   28  C  "C5'" . DT  A 1 3 ? 8.311   -1.423  4.851   1.00 29.44 ? 3   DT  A "C5'" 1 
ATOM   29  C  "C4'" . DT  A 1 3 ? 7.684   -0.176  5.487   1.00 29.52 ? 3   DT  A "C4'" 1 
ATOM   30  O  "O4'" . DT  A 1 3 ? 6.248   -0.140  5.261   1.00 29.33 ? 3   DT  A "O4'" 1 
ATOM   31  C  "C3'" . DT  A 1 3 ? 7.860   0.073   6.986   1.00 30.46 ? 3   DT  A "C3'" 1 
ATOM   32  O  "O3'" . DT  A 1 3 ? 8.100   1.462   7.150   1.00 31.74 ? 3   DT  A "O3'" 1 
ATOM   33  C  "C2'" . DT  A 1 3 ? 6.492   -0.277  7.567   1.00 29.52 ? 3   DT  A "C2'" 1 
ATOM   34  C  "C1'" . DT  A 1 3 ? 5.597   0.255   6.451   1.00 28.85 ? 3   DT  A "C1'" 1 
ATOM   35  N  N1    . DT  A 1 3 ? 4.170   -0.223  6.447   1.00 28.40 ? 3   DT  A N1    1 
ATOM   36  C  C2    . DT  A 1 3 ? 3.152   0.669   6.134   1.00 29.13 ? 3   DT  A C2    1 
ATOM   37  O  O2    . DT  A 1 3 ? 3.331   1.843   5.857   1.00 28.88 ? 3   DT  A O2    1 
ATOM   38  N  N3    . DT  A 1 3 ? 1.882   0.139   6.154   1.00 28.67 ? 3   DT  A N3    1 
ATOM   39  C  C4    . DT  A 1 3 ? 1.521   -1.166  6.455   1.00 28.47 ? 3   DT  A C4    1 
ATOM   40  O  O4    . DT  A 1 3 ? 0.339   -1.524  6.439   1.00 28.89 ? 3   DT  A O4    1 
ATOM   41  C  C5    . DT  A 1 3 ? 2.627   -2.050  6.772   1.00 28.32 ? 3   DT  A C5    1 
ATOM   42  C  C7    . DT  A 1 3 ? 2.391   -3.496  7.112   1.00 27.88 ? 3   DT  A C7    1 
ATOM   43  C  C6    . DT  A 1 3 ? 3.876   -1.543  6.754   1.00 28.47 ? 3   DT  A C6    1 
ATOM   44  P  P     . DA  A 1 4 ? 9.051   2.066   8.284   1.00 31.73 ? 4   DA  A P     1 
ATOM   45  O  OP1   . DA  A 1 4 ? 10.361  2.314   7.638   1.00 32.30 ? 4   DA  A OP1   1 
ATOM   46  O  OP2   . DA  A 1 4 ? 8.977   1.246   9.515   1.00 30.98 ? 4   DA  A OP2   1 
ATOM   47  O  "O5'" . DA  A 1 4 ? 8.312   3.460   8.571   1.00 30.19 ? 4   DA  A "O5'" 1 
ATOM   48  C  "C5'" . DA  A 1 4 ? 7.853   4.257   7.462   1.00 28.84 ? 4   DA  A "C5'" 1 
ATOM   49  C  "C4'" . DA  A 1 4 ? 6.592   5.045   7.785   1.00 27.29 ? 4   DA  A "C4'" 1 
ATOM   50  O  "O4'" . DA  A 1 4 ? 5.423   4.189   7.695   1.00 27.16 ? 4   DA  A "O4'" 1 
ATOM   51  C  "C3'" . DA  A 1 4 ? 6.541   5.667   9.175   1.00 27.72 ? 4   DA  A "C3'" 1 
ATOM   52  O  "O3'" . DA  A 1 4 ? 6.306   7.087   9.088   1.00 28.76 ? 4   DA  A "O3'" 1 
ATOM   53  C  "C2'" . DA  A 1 4 ? 5.404   4.941   9.890   1.00 27.00 ? 4   DA  A "C2'" 1 
ATOM   54  C  "C1'" . DA  A 1 4 ? 4.521   4.516   8.726   1.00 25.65 ? 4   DA  A "C1'" 1 
ATOM   55  N  N9    . DA  A 1 4 ? 3.696   3.341   8.974   1.00 24.43 ? 4   DA  A N9    1 
ATOM   56  C  C8    . DA  A 1 4 ? 4.116   2.119   9.418   1.00 22.87 ? 4   DA  A C8    1 
ATOM   57  N  N7    . DA  A 1 4 ? 3.144   1.246   9.536   1.00 22.88 ? 4   DA  A N7    1 
ATOM   58  C  C5    . DA  A 1 4 ? 2.007   1.934   9.135   1.00 22.07 ? 4   DA  A C5    1 
ATOM   59  C  C6    . DA  A 1 4 ? 0.649   1.574   9.027   1.00 21.75 ? 4   DA  A C6    1 
ATOM   60  N  N6    . DA  A 1 4 ? 0.179   0.371   9.324   1.00 22.37 ? 4   DA  A N6    1 
ATOM   61  N  N1    . DA  A 1 4 ? -0.232  2.503   8.602   1.00 23.89 ? 4   DA  A N1    1 
ATOM   62  C  C2    . DA  A 1 4 ? 0.222   3.725   8.293   1.00 23.33 ? 4   DA  A C2    1 
ATOM   63  N  N3    . DA  A 1 4 ? 1.474   4.176   8.344   1.00 22.20 ? 4   DA  A N3    1 
ATOM   64  C  C4    . DA  A 1 4 ? 2.327   3.230   8.781   1.00 23.51 ? 4   DA  A C4    1 
ATOM   65  P  P     . DC  A 1 5 ? 6.699   8.014   10.337  1.00 29.03 ? 5   DC  A P     1 
ATOM   66  O  OP1   . DC  A 1 5 ? 7.316   9.262   9.845   1.00 28.79 ? 5   DC  A OP1   1 
ATOM   67  O  OP2   . DC  A 1 5 ? 7.421   7.181   11.334  1.00 28.34 ? 5   DC  A OP2   1 
ATOM   68  O  "O5'" . DC  A 1 5 ? 5.272   8.370   10.952  1.00 29.76 ? 5   DC  A "O5'" 1 
ATOM   69  C  "C5'" . DC  A 1 5 ? 4.091   8.397   10.166  1.00 30.28 ? 5   DC  A "C5'" 1 
ATOM   70  C  "C4'" . DC  A 1 5 ? 2.890   8.070   11.033  1.00 30.42 ? 5   DC  A "C4'" 1 
ATOM   71  O  "O4'" . DC  A 1 5 ? 2.595   6.660   10.961  1.00 30.02 ? 5   DC  A "O4'" 1 
ATOM   72  C  "C3'" . DC  A 1 5 ? 3.061   8.346   12.525  1.00 31.29 ? 5   DC  A "C3'" 1 
ATOM   73  O  "O3'" . DC  A 1 5 ? 2.408   9.555   12.795  1.00 30.74 ? 5   DC  A "O3'" 1 
ATOM   74  C  "C2'" . DC  A 1 5 ? 2.387   7.166   13.236  1.00 31.67 ? 5   DC  A "C2'" 1 
ATOM   75  C  "C1'" . DC  A 1 5 ? 1.787   6.372   12.072  1.00 30.41 ? 5   DC  A "C1'" 1 
ATOM   76  N  N1    . DC  A 1 5 ? 1.749   4.892   12.247  1.00 30.69 ? 5   DC  A N1    1 
ATOM   77  C  C2    . DC  A 1 5 ? 0.518   4.228   12.132  1.00 30.47 ? 5   DC  A C2    1 
ATOM   78  O  O2    . DC  A 1 5 ? -0.512  4.879   11.890  1.00 30.80 ? 5   DC  A O2    1 
ATOM   79  N  N3    . DC  A 1 5 ? 0.492   2.878   12.292  1.00 30.36 ? 5   DC  A N3    1 
ATOM   80  C  C4    . DC  A 1 5 ? 1.615   2.202   12.547  1.00 30.04 ? 5   DC  A C4    1 
ATOM   81  N  N4    . DC  A 1 5 ? 1.518   0.878   12.694  1.00 29.36 ? 5   DC  A N4    1 
ATOM   82  C  C5    . DC  A 1 5 ? 2.880   2.857   12.674  1.00 29.97 ? 5   DC  A C5    1 
ATOM   83  C  C6    . DC  A 1 5 ? 2.899   4.190   12.516  1.00 30.84 ? 5   DC  A C6    1 
ATOM   84  P  P     . DG  A 1 6 ? 2.902   10.544  13.935  1.00 32.60 ? 6   DG  A P     1 
ATOM   85  O  OP1   . DG  A 1 6 ? 2.710   11.919  13.409  1.00 32.78 ? 6   DG  A OP1   1 
ATOM   86  O  OP2   . DG  A 1 6 ? 4.229   10.128  14.480  1.00 31.77 ? 6   DG  A OP2   1 
ATOM   87  O  "O5'" . DG  A 1 6 ? 1.784   10.281  15.035  1.00 32.06 ? 6   DG  A "O5'" 1 
ATOM   88  C  "C5'" . DG  A 1 6 ? 0.489   10.853  14.854  1.00 32.52 ? 6   DG  A "C5'" 1 
ATOM   89  C  "C4'" . DG  A 1 6 ? -0.320  10.676  16.120  1.00 34.09 ? 6   DG  A "C4'" 1 
ATOM   90  O  "O4'" . DG  A 1 6 ? -0.489  9.254   16.359  1.00 34.39 ? 6   DG  A "O4'" 1 
ATOM   91  C  "C3'" . DG  A 1 6 ? 0.341   11.241  17.376  1.00 33.86 ? 6   DG  A "C3'" 1 
ATOM   92  O  "O3'" . DG  A 1 6 ? -0.025  12.591  17.582  1.00 34.12 ? 6   DG  A "O3'" 1 
ATOM   93  C  "C2'" . DG  A 1 6 ? -0.205  10.325  18.464  1.00 34.83 ? 6   DG  A "C2'" 1 
ATOM   94  C  "C1'" . DG  A 1 6 ? -0.236  8.987   17.726  1.00 35.62 ? 6   DG  A "C1'" 1 
ATOM   95  N  N9    . DG  A 1 6 ? 0.988   8.194   17.829  1.00 36.79 ? 6   DG  A N9    1 
ATOM   96  C  C8    . DG  A 1 6 ? 2.297   8.619   17.810  1.00 37.76 ? 6   DG  A C8    1 
ATOM   97  N  N7    . DG  A 1 6 ? 3.167   7.654   17.925  1.00 38.08 ? 6   DG  A N7    1 
ATOM   98  C  C5    . DG  A 1 6 ? 2.385   6.511   18.025  1.00 37.93 ? 6   DG  A C5    1 
ATOM   99  C  C6    . DG  A 1 6 ? 2.761   5.150   18.170  1.00 38.17 ? 6   DG  A C6    1 
ATOM   100 O  O6    . DG  A 1 6 ? 3.914   4.694   18.242  1.00 36.69 ? 6   DG  A O6    1 
ATOM   101 N  N1    . DG  A 1 6 ? 1.638   4.301   18.234  1.00 37.77 ? 6   DG  A N1    1 
ATOM   102 C  C2    . DG  A 1 6 ? 0.328   4.733   18.160  1.00 37.50 ? 6   DG  A C2    1 
ATOM   103 N  N2    . DG  A 1 6 ? -0.643  3.814   18.235  1.00 37.40 ? 6   DG  A N2    1 
ATOM   104 N  N3    . DG  A 1 6 ? -0.027  6.003   18.026  1.00 38.12 ? 6   DG  A N3    1 
ATOM   105 C  C4    . DG  A 1 6 ? 1.044   6.831   17.964  1.00 37.60 ? 6   DG  A C4    1 
ATOM   106 O  "O5'" . DC  B 1 1 ? -11.699 -4.689  8.619   1.00 31.01 ? 7   DC  B "O5'" 1 
ATOM   107 C  "C5'" . DC  B 1 1 ? -11.917 -5.756  9.532   1.00 32.66 ? 7   DC  B "C5'" 1 
ATOM   108 C  "C4'" . DC  B 1 1 ? -11.549 -5.365  10.960  1.00 31.75 ? 7   DC  B "C4'" 1 
ATOM   109 O  "O4'" . DC  B 1 1 ? -12.373 -6.119  11.889  1.00 31.77 ? 7   DC  B "O4'" 1 
ATOM   110 C  "C3'" . DC  B 1 1 ? -10.110 -5.664  11.368  1.00 30.66 ? 7   DC  B "C3'" 1 
ATOM   111 O  "O3'" . DC  B 1 1 ? -9.659  -4.729  12.370  1.00 30.06 ? 7   DC  B "O3'" 1 
ATOM   112 C  "C2'" . DC  B 1 1 ? -10.210 -7.090  11.909  1.00 30.65 ? 7   DC  B "C2'" 1 
ATOM   113 C  "C1'" . DC  B 1 1 ? -11.577 -7.069  12.600  1.00 31.05 ? 7   DC  B "C1'" 1 
ATOM   114 N  N1    . DC  B 1 1 ? -12.337 -8.370  12.653  1.00 30.60 ? 7   DC  B N1    1 
ATOM   115 C  C2    . DC  B 1 1 ? -12.625 -9.003  13.880  1.00 30.78 ? 7   DC  B C2    1 
ATOM   116 O  O2    . DC  B 1 1 ? -12.234 -8.514  14.950  1.00 29.95 ? 7   DC  B O2    1 
ATOM   117 N  N3    . DC  B 1 1 ? -13.331 -10.169 13.865  1.00 30.49 ? 7   DC  B N3    1 
ATOM   118 C  C4    . DC  B 1 1 ? -13.762 -10.698 12.712  1.00 31.53 ? 7   DC  B C4    1 
ATOM   119 N  N4    . DC  B 1 1 ? -14.453 -11.846 12.754  1.00 31.37 ? 7   DC  B N4    1 
ATOM   120 C  C5    . DC  B 1 1 ? -13.490 -10.072 11.456  1.00 31.32 ? 7   DC  B C5    1 
ATOM   121 C  C6    . DC  B 1 1 ? -12.790 -8.929  11.483  1.00 31.86 ? 7   DC  B C6    1 
ATOM   122 P  P     . DG  B 1 2 ? -8.254  -3.958  12.222  1.00 29.44 ? 8   DG  B P     1 
ATOM   123 O  OP1   . DG  B 1 2 ? -7.374  -4.710  11.296  1.00 28.77 ? 8   DG  B OP1   1 
ATOM   124 O  OP2   . DG  B 1 2 ? -7.718  -3.606  13.554  1.00 29.11 ? 8   DG  B OP2   1 
ATOM   125 O  "O5'" . DG  B 1 2 ? -8.736  -2.621  11.484  1.00 28.26 ? 8   DG  B "O5'" 1 
ATOM   126 C  "C5'" . DG  B 1 2 ? -9.697  -1.716  12.026  1.00 24.73 ? 8   DG  B "C5'" 1 
ATOM   127 C  "C4'" . DG  B 1 2 ? -9.140  -0.306  11.942  1.00 24.00 ? 8   DG  B "C4'" 1 
ATOM   128 O  "O4'" . DG  B 1 2 ? -7.936  -0.284  12.734  1.00 23.05 ? 8   DG  B "O4'" 1 
ATOM   129 C  "C3'" . DG  B 1 2 ? -8.651  0.153   10.572  1.00 23.71 ? 8   DG  B "C3'" 1 
ATOM   130 O  "O3'" . DG  B 1 2 ? -9.719  0.689   9.804   1.00 23.55 ? 8   DG  B "O3'" 1 
ATOM   131 C  "C2'" . DG  B 1 2 ? -7.632  1.227   10.936  1.00 23.13 ? 8   DG  B "C2'" 1 
ATOM   132 C  "C1'" . DG  B 1 2 ? -7.112  0.772   12.300  1.00 23.16 ? 8   DG  B "C1'" 1 
ATOM   133 N  N9    . DG  B 1 2 ? -5.725  0.298   12.281  1.00 22.24 ? 8   DG  B N9    1 
ATOM   134 C  C8    . DG  B 1 2 ? -5.262  -0.963  12.550  1.00 20.78 ? 8   DG  B C8    1 
ATOM   135 N  N7    . DG  B 1 2 ? -3.965  -1.073  12.442  1.00 21.67 ? 8   DG  B N7    1 
ATOM   136 C  C5    . DG  B 1 2 ? -3.535  0.205   12.093  1.00 21.48 ? 8   DG  B C5    1 
ATOM   137 C  C6    . DG  B 1 2 ? -2.237  0.720   11.841  1.00 20.37 ? 8   DG  B C6    1 
ATOM   138 O  O6    . DG  B 1 2 ? -1.147  0.142   11.887  1.00 19.94 ? 8   DG  B O6    1 
ATOM   139 N  N1    . DG  B 1 2 ? -2.261  2.074   11.519  1.00 21.15 ? 8   DG  B N1    1 
ATOM   140 C  C2    . DG  B 1 2 ? -3.399  2.840   11.438  1.00 20.52 ? 8   DG  B C2    1 
ATOM   141 N  N2    . DG  B 1 2 ? -3.241  4.124   11.099  1.00 19.05 ? 8   DG  B N2    1 
ATOM   142 N  N3    . DG  B 1 2 ? -4.615  2.371   11.677  1.00 20.94 ? 8   DG  B N3    1 
ATOM   143 C  C4    . DG  B 1 2 ? -4.612  1.057   11.992  1.00 21.13 ? 8   DG  B C4    1 
ATOM   144 P  P     . DT  B 1 3 ? -9.646  0.725   8.195   1.00 24.74 ? 9   DT  B P     1 
ATOM   145 O  OP1   . DT  B 1 3 ? -11.039 0.709   7.716   1.00 21.47 ? 9   DT  B OP1   1 
ATOM   146 O  OP2   . DT  B 1 3 ? -8.678  -0.300  7.731   1.00 22.25 ? 9   DT  B OP2   1 
ATOM   147 O  "O5'" . DT  B 1 3 ? -8.974  2.146   7.882   1.00 23.09 ? 9   DT  B "O5'" 1 
ATOM   148 C  "C5'" . DT  B 1 3 ? -9.437  3.349   8.431   1.00 23.96 ? 9   DT  B "C5'" 1 
ATOM   149 C  "C4'" . DT  B 1 3 ? -8.496  4.460   7.992   1.00 23.92 ? 9   DT  B "C4'" 1 
ATOM   150 O  "O4'" . DT  B 1 3 ? -7.141  4.234   8.469   1.00 23.62 ? 9   DT  B "O4'" 1 
ATOM   151 C  "C3'" . DT  B 1 3 ? -8.350  4.639   6.490   1.00 23.39 ? 9   DT  B "C3'" 1 
ATOM   152 O  "O3'" . DT  B 1 3 ? -8.220  6.030   6.311   1.00 22.69 ? 9   DT  B "O3'" 1 
ATOM   153 C  "C2'" . DT  B 1 3 ? -7.082  3.850   6.146   1.00 22.95 ? 9   DT  B "C2'" 1 
ATOM   154 C  "C1'" . DT  B 1 3 ? -6.237  4.116   7.386   1.00 23.05 ? 9   DT  B "C1'" 1 
ATOM   155 N  N1    . DT  B 1 3 ? -5.237  3.056   7.768   1.00 22.69 ? 9   DT  B N1    1 
ATOM   156 C  C2    . DT  B 1 3 ? -3.922  3.450   7.903   1.00 21.76 ? 9   DT  B C2    1 
ATOM   157 O  O2    . DT  B 1 3 ? -3.537  4.584   7.708   1.00 20.57 ? 9   DT  B O2    1 
ATOM   158 N  N3    . DT  B 1 3 ? -3.058  2.455   8.279   1.00 21.13 ? 9   DT  B N3    1 
ATOM   159 C  C4    . DT  B 1 3 ? -3.360  1.135   8.517   1.00 20.13 ? 9   DT  B C4    1 
ATOM   160 O  O4    . DT  B 1 3 ? -2.487  0.337   8.840   1.00 20.83 ? 9   DT  B O4    1 
ATOM   161 C  C5    . DT  B 1 3 ? -4.755  0.775   8.365   1.00 21.00 ? 9   DT  B C5    1 
ATOM   162 C  C7    . DT  B 1 3 ? -5.189  -0.646  8.607   1.00 18.79 ? 9   DT  B C7    1 
ATOM   163 C  C6    . DT  B 1 3 ? -5.622  1.740   8.002   1.00 20.53 ? 9   DT  B C6    1 
ATOM   164 P  P     . DA  B 1 4 ? -7.951  6.724   4.895   1.00 21.67 ? 10  DA  B P     1 
ATOM   165 O  OP1   . DA  B 1 4 ? -8.650  8.041   4.978   1.00 22.61 ? 10  DA  B OP1   1 
ATOM   166 O  OP2   . DA  B 1 4 ? -8.248  5.804   3.774   1.00 19.80 ? 10  DA  B OP2   1 
ATOM   167 O  "O5'" . DA  B 1 4 ? -6.372  6.895   4.980   1.00 20.06 ? 10  DA  B "O5'" 1 
ATOM   168 C  "C5'" . DA  B 1 4 ? -5.792  7.925   5.760   1.00 19.75 ? 10  DA  B "C5'" 1 
ATOM   169 C  "C4'" . DA  B 1 4 ? -4.406  8.276   5.240   1.00 18.83 ? 10  DA  B "C4'" 1 
ATOM   170 O  "O4'" . DA  B 1 4 ? -3.465  7.216   5.543   1.00 18.86 ? 10  DA  B "O4'" 1 
ATOM   171 C  "C3'" . DA  B 1 4 ? -4.332  8.479   3.734   1.00 17.78 ? 10  DA  B "C3'" 1 
ATOM   172 O  "O3'" . DA  B 1 4 ? -3.432  9.540   3.439   1.00 18.43 ? 10  DA  B "O3'" 1 
ATOM   173 C  "C2'" . DA  B 1 4 ? -3.823  7.142   3.203   1.00 16.89 ? 10  DA  B "C2'" 1 
ATOM   174 C  "C1'" . DA  B 1 4 ? -2.919  6.676   4.339   1.00 19.25 ? 10  DA  B "C1'" 1 
ATOM   175 N  N9    . DA  B 1 4 ? -2.922  5.228   4.527   1.00 17.60 ? 10  DA  B N9    1 
ATOM   176 C  C8    . DA  B 1 4 ? -4.024  4.427   4.519   1.00 18.14 ? 10  DA  B C8    1 
ATOM   177 N  N7    . DA  B 1 4 ? -3.757  3.160   4.744   1.00 18.59 ? 10  DA  B N7    1 
ATOM   178 C  C5    . DA  B 1 4 ? -2.390  3.139   4.896   1.00 17.35 ? 10  DA  B C5    1 
ATOM   179 C  C6    . DA  B 1 4 ? -1.496  2.087   5.147   1.00 17.95 ? 10  DA  B C6    1 
ATOM   180 N  N6    . DA  B 1 4 ? -1.902  0.818   5.282   1.00 18.73 ? 10  DA  B N6    1 
ATOM   181 N  N1    . DA  B 1 4 ? -0.181  2.394   5.249   1.00 17.36 ? 10  DA  B N1    1 
ATOM   182 C  C2    . DA  B 1 4 ? 0.201   3.668   5.087   1.00 16.91 ? 10  DA  B C2    1 
ATOM   183 N  N3    . DA  B 1 4 ? -0.551  4.741   4.849   1.00 16.85 ? 10  DA  B N3    1 
ATOM   184 C  C4    . DA  B 1 4 ? -1.851  4.407   4.766   1.00 17.17 ? 10  DA  B C4    1 
ATOM   185 P  P     . DC  B 1 5 ? -3.171  9.902   1.901   1.00 16.85 ? 11  DC  B P     1 
ATOM   186 O  OP1   . DC  B 1 5 ? -2.774  11.326  1.855   1.00 18.35 ? 11  DC  B OP1   1 
ATOM   187 O  OP2   . DC  B 1 5 ? -4.326  9.399   1.120   1.00 13.44 ? 11  DC  B OP2   1 
ATOM   188 O  "O5'" . DC  B 1 5 ? -1.943  8.961   1.463   1.00 16.27 ? 11  DC  B "O5'" 1 
ATOM   189 C  "C5'" . DC  B 1 5 ? -0.679  8.978   2.038   1.00 15.05 ? 11  DC  B "C5'" 1 
ATOM   190 C  "C4'" . DC  B 1 5 ? 0.242   7.967   1.356   1.00 16.54 ? 11  DC  B "C4'" 1 
ATOM   191 O  "O4'" . DC  B 1 5 ? -0.005  6.608   1.824   1.00 17.13 ? 11  DC  B "O4'" 1 
ATOM   192 C  "C3'" . DC  B 1 5 ? 0.188   7.880   -0.169  1.00 17.26 ? 11  DC  B "C3'" 1 
ATOM   193 O  "O3'" . DC  B 1 5 ? 1.541   7.775   -0.637  1.00 18.20 ? 11  DC  B "O3'" 1 
ATOM   194 C  "C2'" . DC  B 1 5 ? -0.589  6.594   -0.405  1.00 15.30 ? 11  DC  B "C2'" 1 
ATOM   195 C  "C1'" . DC  B 1 5 ? -0.001  5.744   0.712   1.00 15.12 ? 11  DC  B "C1'" 1 
ATOM   196 N  N1    . DC  B 1 5 ? -0.735  4.472   1.019   1.00 13.08 ? 11  DC  B N1    1 
ATOM   197 C  C2    . DC  B 1 5 ? -0.048  3.296   1.376   1.00 11.79 ? 11  DC  B C2    1 
ATOM   198 O  O2    . DC  B 1 5 ? 1.193   3.290   1.456   1.00 9.60  ? 11  DC  B O2    1 
ATOM   199 N  N3    . DC  B 1 5 ? -0.781  2.179   1.648   1.00 11.77 ? 11  DC  B N3    1 
ATOM   200 C  C4    . DC  B 1 5 ? -2.122  2.199   1.549   1.00 12.63 ? 11  DC  B C4    1 
ATOM   201 N  N4    . DC  B 1 5 ? -2.823  1.082   1.814   1.00 11.93 ? 11  DC  B N4    1 
ATOM   202 C  C5    . DC  B 1 5 ? -2.828  3.386   1.189   1.00 13.39 ? 11  DC  B C5    1 
ATOM   203 C  C6    . DC  B 1 5 ? -2.103  4.481   0.942   1.00 14.36 ? 11  DC  B C6    1 
ATOM   204 P  P     . DG  B 1 6 ? 1.937   8.062   -2.154  1.00 18.15 ? 12  DG  B P     1 
ATOM   205 O  OP1   . DG  B 1 6 ? 3.394   8.330   -2.174  1.00 17.07 ? 12  DG  B OP1   1 
ATOM   206 O  OP2   . DG  B 1 6 ? 0.989   9.041   -2.732  1.00 19.02 ? 12  DG  B OP2   1 
ATOM   207 O  "O5'" . DG  B 1 6 ? 1.648   6.642   -2.842  1.00 18.80 ? 12  DG  B "O5'" 1 
ATOM   208 C  "C5'" . DG  B 1 6 ? 2.713   5.726   -3.072  1.00 19.96 ? 12  DG  B "C5'" 1 
ATOM   209 C  "C4'" . DG  B 1 6 ? 2.360   4.751   -4.178  1.00 21.75 ? 12  DG  B "C4'" 1 
ATOM   210 O  "O4'" . DG  B 1 6 ? 0.937   4.445   -4.143  1.00 22.89 ? 12  DG  B "O4'" 1 
ATOM   211 C  "C3'" . DG  B 1 6 ? 2.642   5.293   -5.576  1.00 23.04 ? 12  DG  B "C3'" 1 
ATOM   212 O  "O3'" . DG  B 1 6 ? 3.947   4.889   -6.013  1.00 23.61 ? 12  DG  B "O3'" 1 
ATOM   213 C  "C2'" . DG  B 1 6 ? 1.498   4.701   -6.406  1.00 22.14 ? 12  DG  B "C2'" 1 
ATOM   214 C  "C1'" . DG  B 1 6 ? 0.343   4.726   -5.404  1.00 23.16 ? 12  DG  B "C1'" 1 
ATOM   215 N  N9    . DG  B 1 6 ? -0.360  5.997   -5.230  1.00 24.42 ? 12  DG  B N9    1 
ATOM   216 C  C8    . DG  B 1 6 ? -0.085  7.204   -5.837  1.00 24.76 ? 12  DG  B C8    1 
ATOM   217 N  N7    . DG  B 1 6 ? -0.872  8.169   -5.458  1.00 25.05 ? 12  DG  B N7    1 
ATOM   218 C  C5    . DG  B 1 6 ? -1.720  7.575   -4.538  1.00 25.21 ? 12  DG  B C5    1 
ATOM   219 C  C6    . DG  B 1 6 ? -2.781  8.139   -3.792  1.00 25.47 ? 12  DG  B C6    1 
ATOM   220 O  O6    . DG  B 1 6 ? -3.188  9.311   -3.816  1.00 24.68 ? 12  DG  B O6    1 
ATOM   221 N  N1    . DG  B 1 6 ? -3.390  7.196   -2.961  1.00 25.26 ? 12  DG  B N1    1 
ATOM   222 C  C2    . DG  B 1 6 ? -3.018  5.870   -2.869  1.00 25.97 ? 12  DG  B C2    1 
ATOM   223 N  N2    . DG  B 1 6 ? -3.719  5.098   -2.017  1.00 25.82 ? 12  DG  B N2    1 
ATOM   224 N  N3    . DG  B 1 6 ? -2.023  5.337   -3.568  1.00 25.70 ? 12  DG  B N3    1 
ATOM   225 C  C4    . DG  B 1 6 ? -1.417  6.241   -4.378  1.00 24.86 ? 12  DG  B C4    1 
ATOM   226 O  "O3'" . DC  C 1 1 ? -9.703  -1.672  -0.892  1.00 39.12 ? 1   DC  C "O3'" 1 
ATOM   227 P  P     . DG  C 1 2 ? -9.553  -0.894  0.500   1.00 40.56 ? 2   DG  C P     1 
ATOM   228 O  OP1   . DG  C 1 2 ? -8.883  -1.800  1.465   1.00 40.32 ? 2   DG  C OP1   1 
ATOM   229 O  OP2   . DG  C 1 2 ? -10.892 -0.341  0.831   1.00 40.58 ? 2   DG  C OP2   1 
ATOM   230 O  "O5'" . DG  C 1 2 ? -8.568  0.323   0.147   1.00 38.75 ? 2   DG  C "O5'" 1 
ATOM   231 C  "C5'" . DG  C 1 2 ? -8.965  1.699   0.363   1.00 36.13 ? 2   DG  C "C5'" 1 
ATOM   232 C  "C4'" . DG  C 1 2 ? -8.316  2.648   -0.638  1.00 33.38 ? 2   DG  C "C4'" 1 
ATOM   233 O  "O4'" . DG  C 1 2 ? -6.877  2.510   -0.579  1.00 32.49 ? 2   DG  C "O4'" 1 
ATOM   234 C  "C3'" . DG  C 1 2 ? -8.672  2.442   -2.105  1.00 32.75 ? 2   DG  C "C3'" 1 
ATOM   235 O  "O3'" . DG  C 1 2 ? -8.676  3.701   -2.770  1.00 32.57 ? 2   DG  C "O3'" 1 
ATOM   236 C  "C2'" . DG  C 1 2 ? -7.550  1.541   -2.626  1.00 32.14 ? 2   DG  C "C2'" 1 
ATOM   237 C  "C1'" . DG  C 1 2 ? -6.355  2.000   -1.795  1.00 31.32 ? 2   DG  C "C1'" 1 
ATOM   238 N  N9    . DG  C 1 2 ? -5.405  0.938   -1.453  1.00 29.27 ? 2   DG  C N9    1 
ATOM   239 C  C8    . DG  C 1 2 ? -5.707  -0.310  -0.971  1.00 28.21 ? 2   DG  C C8    1 
ATOM   240 N  N7    . DG  C 1 2 ? -4.665  -1.060  -0.747  1.00 27.49 ? 2   DG  C N7    1 
ATOM   241 C  C5    . DG  C 1 2 ? -3.592  -0.256  -1.100  1.00 26.58 ? 2   DG  C C5    1 
ATOM   242 C  C6    . DG  C 1 2 ? -2.207  -0.533  -1.068  1.00 25.60 ? 2   DG  C C6    1 
ATOM   243 O  O6    . DG  C 1 2 ? -1.639  -1.572  -0.706  1.00 25.73 ? 2   DG  C O6    1 
ATOM   244 N  N1    . DG  C 1 2 ? -1.446  0.545   -1.511  1.00 25.43 ? 2   DG  C N1    1 
ATOM   245 C  C2    . DG  C 1 2 ? -1.955  1.745   -1.930  1.00 25.52 ? 2   DG  C C2    1 
ATOM   246 N  N2    . DG  C 1 2 ? -1.047  2.649   -2.319  1.00 24.18 ? 2   DG  C N2    1 
ATOM   247 N  N3    . DG  C 1 2 ? -3.261  2.025   -1.966  1.00 27.09 ? 2   DG  C N3    1 
ATOM   248 C  C4    . DG  C 1 2 ? -4.025  0.981   -1.535  1.00 28.10 ? 2   DG  C C4    1 
ATOM   249 P  P     . DT  C 1 3 ? -9.400  3.932   -4.186  1.00 33.01 ? 3   DT  C P     1 
ATOM   250 O  OP1   . DT  C 1 3 ? -10.205 5.168   -4.045  1.00 33.30 ? 3   DT  C OP1   1 
ATOM   251 O  OP2   . DT  C 1 3 ? -10.065 2.685   -4.624  1.00 33.11 ? 3   DT  C OP2   1 
ATOM   252 O  "O5'" . DT  C 1 3 ? -8.189  4.200   -5.197  1.00 32.53 ? 3   DT  C "O5'" 1 
ATOM   253 C  "C5'" . DT  C 1 3 ? -7.206  5.178   -4.855  1.00 32.45 ? 3   DT  C "C5'" 1 
ATOM   254 C  "C4'" . DT  C 1 3 ? -5.849  4.895   -5.480  1.00 31.16 ? 3   DT  C "C4'" 1 
ATOM   255 O  "O4'" . DT  C 1 3 ? -5.201  3.767   -4.834  1.00 30.81 ? 3   DT  C "O4'" 1 
ATOM   256 C  "C3'" . DT  C 1 3 ? -5.843  4.587   -6.977  1.00 30.75 ? 3   DT  C "C3'" 1 
ATOM   257 O  "O3'" . DT  C 1 3 ? -4.853  5.408   -7.591  1.00 30.83 ? 3   DT  C "O3'" 1 
ATOM   258 C  "C2'" . DT  C 1 3 ? -5.438  3.110   -7.023  1.00 31.18 ? 3   DT  C "C2'" 1 
ATOM   259 C  "C1'" . DT  C 1 3 ? -4.472  3.096   -5.845  1.00 30.43 ? 3   DT  C "C1'" 1 
ATOM   260 N  N1    . DT  C 1 3 ? -3.949  1.760   -5.384  1.00 29.53 ? 3   DT  C N1    1 
ATOM   261 C  C2    . DT  C 1 3 ? -2.579  1.577   -5.299  1.00 30.44 ? 3   DT  C C2    1 
ATOM   262 O  O2    . DT  C 1 3 ? -1.764  2.435   -5.588  1.00 31.79 ? 3   DT  C O2    1 
ATOM   263 N  N3    . DT  C 1 3 ? -2.175  0.335   -4.864  1.00 30.04 ? 3   DT  C N3    1 
ATOM   264 C  C4    . DT  C 1 3 ? -2.988  -0.729  -4.506  1.00 29.75 ? 3   DT  C C4    1 
ATOM   265 O  O4    . DT  C 1 3 ? -2.513  -1.798  -4.135  1.00 27.45 ? 3   DT  C O4    1 
ATOM   266 C  C5    . DT  C 1 3 ? -4.415  -0.476  -4.611  1.00 29.83 ? 3   DT  C C5    1 
ATOM   267 C  C7    . DT  C 1 3 ? -5.412  -1.541  -4.260  1.00 30.49 ? 3   DT  C C7    1 
ATOM   268 C  C6    . DT  C 1 3 ? -4.818  0.738   -5.035  1.00 30.20 ? 3   DT  C C6    1 
ATOM   269 P  P     . DA  C 1 4 ? -4.918  5.899   -9.120  1.00 30.72 ? 4   DA  C P     1 
ATOM   270 O  OP1   . DA  C 1 4 ? -5.026  7.374   -9.109  1.00 30.99 ? 4   DA  C OP1   1 
ATOM   271 O  OP2   . DA  C 1 4 ? -5.920  5.105   -9.866  1.00 30.03 ? 4   DA  C OP2   1 
ATOM   272 O  "O5'" . DA  C 1 4 ? -3.457  5.503   -9.630  1.00 29.61 ? 4   DA  C "O5'" 1 
ATOM   273 C  "C5'" . DA  C 1 4 ? -2.293  6.010   -8.984  1.00 28.10 ? 4   DA  C "C5'" 1 
ATOM   274 C  "C4'" . DA  C 1 4 ? -1.090  5.162   -9.348  1.00 26.38 ? 4   DA  C "C4'" 1 
ATOM   275 O  "O4'" . DA  C 1 4 ? -1.134  3.923   -8.600  1.00 26.71 ? 4   DA  C "O4'" 1 
ATOM   276 C  "C3'" . DA  C 1 4 ? -1.025  4.767   -10.825 1.00 26.77 ? 4   DA  C "C3'" 1 
ATOM   277 O  "O3'" . DA  C 1 4 ? 0.241   5.151   -11.389 1.00 25.78 ? 4   DA  C "O3'" 1 
ATOM   278 C  "C2'" . DA  C 1 4 ? -1.249  3.249   -10.822 1.00 25.89 ? 4   DA  C "C2'" 1 
ATOM   279 C  "C1'" . DA  C 1 4 ? -0.742  2.856   -9.441  1.00 25.23 ? 4   DA  C "C1'" 1 
ATOM   280 N  N9    . DA  C 1 4 ? -1.230  1.564   -8.936  1.00 23.49 ? 4   DA  C N9    1 
ATOM   281 C  C8    . DA  C 1 4 ? -2.521  1.122   -8.833  1.00 22.98 ? 4   DA  C C8    1 
ATOM   282 N  N7    . DA  C 1 4 ? -2.625  -0.105  -8.353  1.00 23.53 ? 4   DA  C N7    1 
ATOM   283 C  C5    . DA  C 1 4 ? -1.317  -0.501  -8.114  1.00 21.01 ? 4   DA  C C5    1 
ATOM   284 C  C6    . DA  C 1 4 ? -0.739  -1.691  -7.605  1.00 20.32 ? 4   DA  C C6    1 
ATOM   285 N  N6    . DA  C 1 4 ? -1.438  -2.768  -7.210  1.00 16.56 ? 4   DA  C N6    1 
ATOM   286 N  N1    . DA  C 1 4 ? 0.617   -1.744  -7.514  1.00 20.28 ? 4   DA  C N1    1 
ATOM   287 C  C2    . DA  C 1 4 ? 1.335   -0.681  -7.903  1.00 20.37 ? 4   DA  C C2    1 
ATOM   288 N  N3    . DA  C 1 4 ? 0.903   0.481   -8.398  1.00 21.19 ? 4   DA  C N3    1 
ATOM   289 C  C4    . DA  C 1 4 ? -0.445  0.515   -8.481  1.00 22.53 ? 4   DA  C C4    1 
ATOM   290 P  P     . DC  C 1 5 ? 0.391   5.334   -12.970 1.00 26.56 ? 5   DC  C P     1 
ATOM   291 O  OP1   . DC  C 1 5 ? 0.987   6.670   -13.217 1.00 26.24 ? 5   DC  C OP1   1 
ATOM   292 O  OP2   . DC  C 1 5 ? -0.885  4.943   -13.613 1.00 24.61 ? 5   DC  C OP2   1 
ATOM   293 O  "O5'" . DC  C 1 5 ? 1.487   4.246   -13.408 1.00 24.00 ? 5   DC  C "O5'" 1 
ATOM   294 C  "C5'" . DC  C 1 5 ? 2.267   3.527   -12.471 1.00 20.97 ? 5   DC  C "C5'" 1 
ATOM   295 C  "C4'" . DC  C 1 5 ? 2.213   2.028   -12.723 1.00 18.88 ? 5   DC  C "C4'" 1 
ATOM   296 O  "O4'" . DC  C 1 5 ? 1.104   1.425   -11.998 1.00 16.84 ? 5   DC  C "O4'" 1 
ATOM   297 C  "C3'" . DC  C 1 5 ? 1.990   1.560   -14.159 1.00 19.16 ? 5   DC  C "C3'" 1 
ATOM   298 O  "O3'" . DC  C 1 5 ? 3.251   1.256   -14.718 1.00 21.30 ? 5   DC  C "O3'" 1 
ATOM   299 C  "C2'" . DC  C 1 5 ? 1.107   0.308   -14.013 1.00 15.65 ? 5   DC  C "C2'" 1 
ATOM   300 C  "C1'" . DC  C 1 5 ? 1.069   0.108   -12.496 1.00 11.49 ? 5   DC  C "C1'" 1 
ATOM   301 N  N1    . DC  C 1 5 ? -0.120  -0.651  -11.968 1.00 4.55  ? 5   DC  C N1    1 
ATOM   302 C  C2    . DC  C 1 5 ? 0.060   -1.869  -11.285 1.00 2.00  ? 5   DC  C C2    1 
ATOM   303 O  O2    . DC  C 1 5 ? 1.247   -2.300  -11.115 1.00 2.00  ? 5   DC  C O2    1 
ATOM   304 N  N3    . DC  C 1 5 ? -1.060  -2.523  -10.838 1.00 2.00  ? 5   DC  C N3    1 
ATOM   305 C  C4    . DC  C 1 5 ? -2.268  -2.004  -11.061 1.00 2.00  ? 5   DC  C C4    1 
ATOM   306 N  N4    . DC  C 1 5 ? -3.320  -2.678  -10.600 1.00 2.00  ? 5   DC  C N4    1 
ATOM   307 C  C5    . DC  C 1 5 ? -2.449  -0.752  -11.753 1.00 2.00  ? 5   DC  C C5    1 
ATOM   308 C  C6    . DC  C 1 5 ? -1.357  -0.134  -12.190 1.00 2.00  ? 5   DC  C C6    1 
ATOM   309 P  P     . DG  C 1 6 ? 3.492   1.051   -16.296 1.00 24.73 ? 6   DG  C P     1 
ATOM   310 O  OP1   . DG  C 1 6 ? 4.948   1.289   -16.503 1.00 24.72 ? 6   DG  C OP1   1 
ATOM   311 O  OP2   . DG  C 1 6 ? 2.518   1.858   -17.062 1.00 22.70 ? 6   DG  C OP2   1 
ATOM   312 O  "O5'" . DG  C 1 6 ? 3.165   -0.500  -16.526 1.00 24.58 ? 6   DG  C "O5'" 1 
ATOM   313 C  "C5'" . DG  C 1 6 ? 4.227   -1.467  -16.435 1.00 25.90 ? 6   DG  C "C5'" 1 
ATOM   314 C  "C4'" . DG  C 1 6 ? 3.946   -2.741  -17.224 1.00 25.13 ? 6   DG  C "C4'" 1 
ATOM   315 O  "O4'" . DG  C 1 6 ? 2.676   -3.298  -16.810 1.00 24.34 ? 6   DG  C "O4'" 1 
ATOM   316 C  "C3'" . DG  C 1 6 ? 3.812   -2.577  -18.735 1.00 25.43 ? 6   DG  C "C3'" 1 
ATOM   317 O  "O3'" . DG  C 1 6 ? 5.087   -2.671  -19.340 1.00 25.69 ? 6   DG  C "O3'" 1 
ATOM   318 C  "C2'" . DG  C 1 6 ? 2.929   -3.755  -19.142 1.00 24.62 ? 6   DG  C "C2'" 1 
ATOM   319 C  "C1'" . DG  C 1 6 ? 2.110   -4.042  -17.882 1.00 24.41 ? 6   DG  C "C1'" 1 
ATOM   320 N  N9    . DG  C 1 6 ? 0.704   -3.667  -18.014 1.00 23.92 ? 6   DG  C N9    1 
ATOM   321 C  C8    . DG  C 1 6 ? 0.208   -2.533  -18.620 1.00 24.05 ? 6   DG  C C8    1 
ATOM   322 N  N7    . DG  C 1 6 ? -1.094  -2.449  -18.606 1.00 23.37 ? 6   DG  C N7    1 
ATOM   323 C  C5    . DG  C 1 6 ? -1.492  -3.604  -17.942 1.00 23.54 ? 6   DG  C C5    1 
ATOM   324 C  C6    . DG  C 1 6 ? -2.796  -4.056  -17.603 1.00 22.92 ? 6   DG  C C6    1 
ATOM   325 O  O6    . DG  C 1 6 ? -3.890  -3.524  -17.847 1.00 22.81 ? 6   DG  C O6    1 
ATOM   326 N  N1    . DG  C 1 6 ? -2.759  -5.267  -16.930 1.00 22.83 ? 6   DG  C N1    1 
ATOM   327 C  C2    . DG  C 1 6 ? -1.612  -5.957  -16.608 1.00 23.17 ? 6   DG  C C2    1 
ATOM   328 N  N2    . DG  C 1 6 ? -1.781  -7.112  -15.956 1.00 22.99 ? 6   DG  C N2    1 
ATOM   329 N  N3    . DG  C 1 6 ? -0.386  -5.540  -16.910 1.00 23.43 ? 6   DG  C N3    1 
ATOM   330 C  C4    . DG  C 1 6 ? -0.396  -4.359  -17.570 1.00 22.68 ? 6   DG  C C4    1 
ATOM   331 O  "O5'" . DC  D 1 1 ? 1.150   -12.840 -1.750  1.00 32.27 ? 7   DC  D "O5'" 1 
ATOM   332 C  "C5'" . DC  D 1 1 ? -0.063  -12.593 -2.447  1.00 33.97 ? 7   DC  D "C5'" 1 
ATOM   333 C  "C4'" . DC  D 1 1 ? -0.435  -13.741 -3.374  1.00 33.75 ? 7   DC  D "C4'" 1 
ATOM   334 O  "O4'" . DC  D 1 1 ? -0.495  -14.990 -2.629  1.00 35.05 ? 7   DC  D "O4'" 1 
ATOM   335 C  "C3'" . DC  D 1 1 ? -1.792  -13.563 -4.058  1.00 33.06 ? 7   DC  D "C3'" 1 
ATOM   336 O  "O3'" . DC  D 1 1 ? -1.651  -13.601 -5.488  1.00 29.47 ? 7   DC  D "O3'" 1 
ATOM   337 C  "C2'" . DC  D 1 1 ? -2.640  -14.733 -3.535  1.00 35.08 ? 7   DC  D "C2'" 1 
ATOM   338 C  "C1'" . DC  D 1 1 ? -1.593  -15.757 -3.098  1.00 35.88 ? 7   DC  D "C1'" 1 
ATOM   339 N  N1    . DC  D 1 1 ? -2.088  -16.752 -2.052  1.00 37.49 ? 7   DC  D N1    1 
ATOM   340 C  C2    . DC  D 1 1 ? -2.458  -18.062 -2.430  1.00 38.12 ? 7   DC  D C2    1 
ATOM   341 O  O2    . DC  D 1 1 ? -2.382  -18.414 -3.612  1.00 37.50 ? 7   DC  D O2    1 
ATOM   342 N  N3    . DC  D 1 1 ? -2.911  -18.928 -1.479  1.00 39.05 ? 7   DC  D N3    1 
ATOM   343 C  C4    . DC  D 1 1 ? -2.997  -18.546 -0.198  1.00 38.90 ? 7   DC  D C4    1 
ATOM   344 N  N4    . DC  D 1 1 ? -3.440  -19.440 0.691   1.00 38.04 ? 7   DC  D N4    1 
ATOM   345 C  C5    . DC  D 1 1 ? -2.629  -17.224 0.213   1.00 38.89 ? 7   DC  D C5    1 
ATOM   346 C  C6    . DC  D 1 1 ? -2.191  -16.379 -0.734  1.00 38.24 ? 7   DC  D C6    1 
ATOM   347 P  P     . DG  D 1 2 ? -1.959  -12.344 -6.448  1.00 27.67 ? 8   DG  D P     1 
ATOM   348 O  OP1   . DG  D 1 2 ? -2.914  -11.407 -5.786  1.00 25.98 ? 8   DG  D OP1   1 
ATOM   349 O  OP2   . DG  D 1 2 ? -2.288  -12.853 -7.794  1.00 23.63 ? 8   DG  D OP2   1 
ATOM   350 O  "O5'" . DG  D 1 2 ? -0.501  -11.688 -6.531  1.00 25.16 ? 8   DG  D "O5'" 1 
ATOM   351 C  "C5'" . DG  D 1 2 ? 0.437   -12.342 -7.393  1.00 23.84 ? 8   DG  D "C5'" 1 
ATOM   352 C  "C4'" . DG  D 1 2 ? 1.678   -11.533 -7.676  1.00 21.00 ? 8   DG  D "C4'" 1 
ATOM   353 O  "O4'" . DG  D 1 2 ? 1.437   -10.686 -8.825  1.00 20.05 ? 8   DG  D "O4'" 1 
ATOM   354 C  "C3'" . DG  D 1 2 ? 2.083   -10.645 -6.519  1.00 21.67 ? 8   DG  D "C3'" 1 
ATOM   355 O  "O3'" . DG  D 1 2 ? 3.284   -11.161 -5.971  1.00 24.88 ? 8   DG  D "O3'" 1 
ATOM   356 C  "C2'" . DG  D 1 2 ? 2.314   -9.280  -7.151  1.00 20.50 ? 8   DG  D "C2'" 1 
ATOM   357 C  "C1'" . DG  D 1 2 ? 1.665   -9.336  -8.521  1.00 16.30 ? 8   DG  D "C1'" 1 
ATOM   358 N  N9    . DG  D 1 2 ? 0.438   -8.559  -8.667  1.00 12.79 ? 8   DG  D N9    1 
ATOM   359 C  C8    . DG  D 1 2 ? -0.885  -8.920  -8.468  1.00 13.82 ? 8   DG  D C8    1 
ATOM   360 N  N7    . DG  D 1 2 ? -1.732  -7.943  -8.728  1.00 11.46 ? 8   DG  D N7    1 
ATOM   361 C  C5    . DG  D 1 2 ? -0.929  -6.884  -9.122  1.00 8.49  ? 8   DG  D C5    1 
ATOM   362 C  C6    . DG  D 1 2 ? -1.235  -5.554  -9.523  1.00 7.30  ? 8   DG  D C6    1 
ATOM   363 O  O6    . DG  D 1 2 ? -2.358  -5.042  -9.626  1.00 4.59  ? 8   DG  D O6    1 
ATOM   364 N  N1    . DG  D 1 2 ? -0.078  -4.807  -9.835  1.00 3.76  ? 8   DG  D N1    1 
ATOM   365 C  C2    . DG  D 1 2 ? 1.207   -5.287  -9.770  1.00 4.62  ? 8   DG  D C2    1 
ATOM   366 N  N2    . DG  D 1 2 ? 2.244   -4.493  -10.100 1.00 5.68  ? 8   DG  D N2    1 
ATOM   367 N  N3    . DG  D 1 2 ? 1.492   -6.519  -9.399  1.00 8.67  ? 8   DG  D N3    1 
ATOM   368 C  C4    . DG  D 1 2 ? 0.399   -7.261  -9.095  1.00 10.21 ? 8   DG  D C4    1 
ATOM   369 P  P     . DT  D 1 3 ? 3.968   -10.443 -4.722  1.00 27.40 ? 9   DT  D P     1 
ATOM   370 O  OP1   . DT  D 1 3 ? 5.154   -11.252 -4.348  1.00 27.65 ? 9   DT  D OP1   1 
ATOM   371 O  OP2   . DT  D 1 3 ? 2.884   -10.175 -3.732  1.00 26.42 ? 9   DT  D OP2   1 
ATOM   372 O  "O5'" . DT  D 1 3 ? 4.486   -9.063  -5.328  1.00 26.20 ? 9   DT  D "O5'" 1 
ATOM   373 C  "C5'" . DT  D 1 3 ? 5.811   -8.932  -5.845  1.00 24.99 ? 9   DT  D "C5'" 1 
ATOM   374 C  "C4'" . DT  D 1 3 ? 6.141   -7.463  -6.025  1.00 23.03 ? 9   DT  D "C4'" 1 
ATOM   375 O  "O4'" . DT  D 1 3 ? 4.968   -6.777  -6.523  1.00 22.11 ? 9   DT  D "O4'" 1 
ATOM   376 C  "C3'" . DT  D 1 3 ? 6.534   -6.697  -4.767  1.00 22.40 ? 9   DT  D "C3'" 1 
ATOM   377 O  "O3'" . DT  D 1 3 ? 7.454   -5.664  -5.146  1.00 21.67 ? 9   DT  D "O3'" 1 
ATOM   378 C  "C2'" . DT  D 1 3 ? 5.194   -6.130  -4.317  1.00 23.03 ? 9   DT  D "C2'" 1 
ATOM   379 C  "C1'" . DT  D 1 3 ? 4.618   -5.717  -5.668  1.00 21.88 ? 9   DT  D "C1'" 1 
ATOM   380 N  N1    . DT  D 1 3 ? 3.128   -5.549  -5.776  1.00 21.90 ? 9   DT  D N1    1 
ATOM   381 C  C2    . DT  D 1 3 ? 2.617   -4.375  -6.308  1.00 21.07 ? 9   DT  D C2    1 
ATOM   382 O  O2    . DT  D 1 3 ? 3.308   -3.448  -6.680  1.00 20.57 ? 9   DT  D O2    1 
ATOM   383 N  N3    . DT  D 1 3 ? 1.250   -4.323  -6.384  1.00 20.42 ? 9   DT  D N3    1 
ATOM   384 C  C4    . DT  D 1 3 ? 0.359   -5.314  -5.992  1.00 20.44 ? 9   DT  D C4    1 
ATOM   385 O  O4    . DT  D 1 3 ? -0.857  -5.183  -6.098  1.00 18.50 ? 9   DT  D O4    1 
ATOM   386 C  C5    . DT  D 1 3 ? 0.961   -6.516  -5.451  1.00 21.06 ? 9   DT  D C5    1 
ATOM   387 C  C7    . DT  D 1 3 ? 0.104   -7.670  -4.992  1.00 21.27 ? 9   DT  D C7    1 
ATOM   388 C  C6    . DT  D 1 3 ? 2.294   -6.570  -5.375  1.00 20.53 ? 9   DT  D C6    1 
ATOM   389 P  P     . DA  D 1 4 ? 8.264   -4.784  -4.075  1.00 22.89 ? 10  DA  D P     1 
ATOM   390 O  OP1   . DA  D 1 4 ? 9.658   -4.692  -4.564  1.00 20.15 ? 10  DA  D OP1   1 
ATOM   391 O  OP2   . DA  D 1 4 ? 7.964   -5.283  -2.708  1.00 21.98 ? 10  DA  D OP2   1 
ATOM   392 O  "O5'" . DA  D 1 4 ? 7.588   -3.346  -4.225  1.00 20.48 ? 10  DA  D "O5'" 1 
ATOM   393 C  "C5'" . DA  D 1 4 ? 7.541   -2.739  -5.515  1.00 17.83 ? 10  DA  D "C5'" 1 
ATOM   394 C  "C4'" . DA  D 1 4 ? 7.351   -1.252  -5.363  1.00 15.71 ? 10  DA  D "C4'" 1 
ATOM   395 O  "O4'" . DA  D 1 4 ? 5.937   -0.976  -5.459  1.00 13.87 ? 10  DA  D "O4'" 1 
ATOM   396 C  "C3'" . DA  D 1 4 ? 7.805   -0.683  -4.030  1.00 15.99 ? 10  DA  D "C3'" 1 
ATOM   397 O  "O3'" . DA  D 1 4 ? 8.399   0.591   -4.286  1.00 18.46 ? 10  DA  D "O3'" 1 
ATOM   398 C  "C2'" . DA  D 1 4 ? 6.530   -0.657  -3.180  1.00 13.36 ? 10  DA  D "C2'" 1 
ATOM   399 C  "C1'" . DA  D 1 4 ? 5.399   -0.628  -4.206  1.00 9.79  ? 10  DA  D "C1'" 1 
ATOM   400 N  N9    . DA  D 1 4 ? 4.235   -1.488  -3.941  1.00 5.15  ? 10  DA  D N9    1 
ATOM   401 C  C8    . DA  D 1 4 ? 4.199   -2.763  -3.433  1.00 2.00  ? 10  DA  D C8    1 
ATOM   402 N  N7    . DA  D 1 4 ? 2.979   -3.252  -3.347  1.00 2.80  ? 10  DA  D N7    1 
ATOM   403 C  C5    . DA  D 1 4 ? 2.156   -2.210  -3.786  1.00 2.00  ? 10  DA  D C5    1 
ATOM   404 C  C6    . DA  D 1 4 ? 0.757   -2.048  -3.966  1.00 2.00  ? 10  DA  D C6    1 
ATOM   405 N  N6    . DA  D 1 4 ? -0.126  -3.008  -3.642  1.00 2.00  ? 10  DA  D N6    1 
ATOM   406 N  N1    . DA  D 1 4 ? 0.272   -0.853  -4.449  1.00 2.00  ? 10  DA  D N1    1 
ATOM   407 C  C2    . DA  D 1 4 ? 1.146   0.106   -4.799  1.00 2.00  ? 10  DA  D C2    1 
ATOM   408 N  N3    . DA  D 1 4 ? 2.481   0.036   -4.688  1.00 2.00  ? 10  DA  D N3    1 
ATOM   409 C  C4    . DA  D 1 4 ? 2.914   -1.135  -4.178  1.00 2.00  ? 10  DA  D C4    1 
ATOM   410 P  P     . DC  D 1 5 ? 9.205   1.425   -3.181  1.00 19.74 ? 11  DC  D P     1 
ATOM   411 O  OP1   . DC  D 1 5 ? 10.192  2.273   -3.872  1.00 20.16 ? 11  DC  D OP1   1 
ATOM   412 O  OP2   . DC  D 1 5 ? 9.624   0.568   -2.043  1.00 21.22 ? 11  DC  D OP2   1 
ATOM   413 O  "O5'" . DC  D 1 5 ? 8.013   2.352   -2.658  1.00 19.69 ? 11  DC  D "O5'" 1 
ATOM   414 C  "C5'" . DC  D 1 5 ? 7.048   2.867   -3.565  1.00 17.85 ? 11  DC  D "C5'" 1 
ATOM   415 C  "C4'" . DC  D 1 5 ? 5.899   3.505   -2.807  1.00 18.17 ? 11  DC  D "C4'" 1 
ATOM   416 O  "O4'" . DC  D 1 5 ? 4.796   2.564   -2.761  1.00 18.55 ? 11  DC  D "O4'" 1 
ATOM   417 C  "C3'" . DC  D 1 5 ? 6.196   3.925   -1.353  1.00 17.93 ? 11  DC  D "C3'" 1 
ATOM   418 O  "O3'" . DC  D 1 5 ? 5.782   5.310   -1.175  1.00 16.87 ? 11  DC  D "O3'" 1 
ATOM   419 C  "C2'" . DC  D 1 5 ? 5.404   2.888   -0.546  1.00 17.73 ? 11  DC  D "C2'" 1 
ATOM   420 C  "C1'" . DC  D 1 5 ? 4.219   2.651   -1.478  1.00 19.20 ? 11  DC  D "C1'" 1 
ATOM   421 N  N1    . DC  D 1 5 ? 3.346   1.442   -1.208  1.00 20.07 ? 11  DC  D N1    1 
ATOM   422 C  C2    . DC  D 1 5 ? 1.960   1.578   -1.368  1.00 21.34 ? 11  DC  D C2    1 
ATOM   423 O  O2    . DC  D 1 5 ? 1.487   2.671   -1.731  1.00 23.55 ? 11  DC  D O2    1 
ATOM   424 N  N3    . DC  D 1 5 ? 1.169   0.501   -1.124  1.00 20.99 ? 11  DC  D N3    1 
ATOM   425 C  C4    . DC  D 1 5 ? 1.716   -0.665  -0.738  1.00 19.51 ? 11  DC  D C4    1 
ATOM   426 N  N4    . DC  D 1 5 ? 0.895   -1.692  -0.506  1.00 17.91 ? 11  DC  D N4    1 
ATOM   427 C  C5    . DC  D 1 5 ? 3.121   -0.824  -0.577  1.00 18.50 ? 11  DC  D C5    1 
ATOM   428 C  C6    . DC  D 1 5 ? 3.888   0.244   -0.814  1.00 19.60 ? 11  DC  D C6    1 
ATOM   429 P  P     . DG  D 1 6 ? 5.982   6.222   0.145   1.00 17.22 ? 12  DG  D P     1 
ATOM   430 O  OP1   . DG  D 1 6 ? 5.188   7.461   -0.021  1.00 14.79 ? 12  DG  D OP1   1 
ATOM   431 O  OP2   . DG  D 1 6 ? 7.420   6.324   0.441   1.00 16.44 ? 12  DG  D OP2   1 
ATOM   432 O  "O5'" . DG  D 1 6 ? 5.265   5.365   1.283   1.00 19.92 ? 12  DG  D "O5'" 1 
ATOM   433 C  "C5'" . DG  D 1 6 ? 3.835   5.336   1.330   1.00 22.89 ? 12  DG  D "C5'" 1 
ATOM   434 C  "C4'" . DG  D 1 6 ? 3.390   5.254   2.773   1.00 25.09 ? 12  DG  D "C4'" 1 
ATOM   435 O  "O4'" . DG  D 1 6 ? 4.026   4.100   3.371   1.00 26.87 ? 12  DG  D "O4'" 1 
ATOM   436 C  "C3'" . DG  D 1 6 ? 3.795   6.453   3.613   1.00 24.90 ? 12  DG  D "C3'" 1 
ATOM   437 O  "O3'" . DG  D 1 6 ? 2.675   7.278   3.809   1.00 24.89 ? 12  DG  D "O3'" 1 
ATOM   438 C  "C2'" . DG  D 1 6 ? 4.234   5.824   4.932   1.00 26.89 ? 12  DG  D "C2'" 1 
ATOM   439 C  "C1'" . DG  D 1 6 ? 4.797   4.480   4.488   1.00 27.55 ? 12  DG  D "C1'" 1 
ATOM   440 N  N9    . DG  D 1 6 ? 6.190   4.483   4.059   1.00 29.93 ? 12  DG  D N9    1 
ATOM   441 C  C8    . DG  D 1 6 ? 7.117   5.491   4.195   1.00 30.19 ? 12  DG  D C8    1 
ATOM   442 N  N7    . DG  D 1 6 ? 8.283   5.192   3.700   1.00 31.44 ? 12  DG  D N7    1 
ATOM   443 C  C5    . DG  D 1 6 ? 8.126   3.906   3.195   1.00 32.27 ? 12  DG  D C5    1 
ATOM   444 C  C6    . DG  D 1 6 ? 9.054   3.058   2.535   1.00 33.57 ? 12  DG  D C6    1 
ATOM   445 O  O6    . DG  D 1 6 ? 10.243  3.294   2.264   1.00 35.23 ? 12  DG  D O6    1 
ATOM   446 N  N1    . DG  D 1 6 ? 8.490   1.830   2.181   1.00 32.96 ? 12  DG  D N1    1 
ATOM   447 C  C2    . DG  D 1 6 ? 7.181   1.473   2.443   1.00 32.56 ? 12  DG  D C2    1 
ATOM   448 N  N2    . DG  D 1 6 ? 6.792   0.256   2.045   1.00 32.11 ? 12  DG  D N2    1 
ATOM   449 N  N3    . DG  D 1 6 ? 6.306   2.256   3.060   1.00 32.01 ? 12  DG  D N3    1 
ATOM   450 C  C4    . DG  D 1 6 ? 6.840   3.455   3.407   1.00 31.45 ? 12  DG  D C4    1 
HETATM 451 CA CA    . CA  E 2 . ? 5.013   9.803   -1.981  1.00 45.38 ? 101 CA  B CA    1 
HETATM 452 C  C36   . KPT F 3 . ? -2.817  -0.902  -15.240 1.00 38.26 ? 101 KPT C C36   1 
HETATM 453 O  O4    . KPT F 3 . ? -3.944  -1.574  -14.641 1.00 37.50 ? 101 KPT C O4    1 
HETATM 454 O  O3    . KPT F 3 . ? -1.703  -1.763  -14.936 1.00 37.94 ? 101 KPT C O3    1 
HETATM 455 C  C18   . KPT F 3 . ? -2.184  -2.895  -14.342 1.00 38.28 ? 101 KPT C C18   1 
HETATM 456 C  C13   . KPT F 3 . ? -1.495  -4.028  -13.940 1.00 38.12 ? 101 KPT C C13   1 
HETATM 457 C  C14   . KPT F 3 . ? -0.120  -4.146  -14.113 1.00 38.45 ? 101 KPT C C14   1 
HETATM 458 C  C17   . KPT F 3 . ? -3.532  -2.782  -14.165 1.00 38.01 ? 101 KPT C C17   1 
HETATM 459 C  C16   . KPT F 3 . ? -4.290  -3.790  -13.576 1.00 38.27 ? 101 KPT C C16   1 
HETATM 460 C  C15   . KPT F 3 . ? -3.613  -4.943  -13.166 1.00 38.72 ? 101 KPT C C15   1 
HETATM 461 C  C12   . KPT F 3 . ? -2.227  -5.060  -13.353 1.00 38.33 ? 101 KPT C C12   1 
HETATM 462 C  C11   . KPT F 3 . ? -1.551  -6.204  -12.941 1.00 38.25 ? 101 KPT C C11   1 
HETATM 463 C  C10   . KPT F 3 . ? -0.167  -6.286  -13.136 1.00 38.81 ? 101 KPT C C10   1 
HETATM 464 N  N     . KPT F 3 . ? 0.513   -5.266  -13.722 1.00 38.62 ? 101 KPT C N     1 
HETATM 465 C  C9    . KPT F 3 . ? 1.968   -5.328  -13.936 1.00 38.59 ? 101 KPT C C9    1 
HETATM 466 C  C8    . KPT F 3 . ? 2.678   -6.168  -12.874 1.00 38.73 ? 101 KPT C C8    1 
HETATM 467 C  C6    . KPT F 3 . ? 0.507   -7.448  -12.762 1.00 38.88 ? 101 KPT C C6    1 
HETATM 468 C  C5    . KPT F 3 . ? 1.905   -7.450  -12.647 1.00 38.86 ? 101 KPT C C5    1 
HETATM 469 C  C4    . KPT F 3 . ? 2.591   -8.621  -12.310 1.00 39.25 ? 101 KPT C C4    1 
HETATM 470 C  C7    . KPT F 3 . ? -0.225  -8.631  -12.582 1.00 38.94 ? 101 KPT C C7    1 
HETATM 471 C  C3    . KPT F 3 . ? 0.478   -9.779  -12.242 1.00 39.39 ? 101 KPT C C3    1 
HETATM 472 C  C2    . KPT F 3 . ? 1.833   -9.774  -12.115 1.00 39.37 ? 101 KPT C C2    1 
HETATM 473 O  O2    . KPT F 3 . ? 2.249   -11.030 -11.780 1.00 40.24 ? 101 KPT C O2    1 
HETATM 474 O  O1    . KPT F 3 . ? -0.003  -11.037 -12.004 1.00 40.36 ? 101 KPT C O1    1 
HETATM 475 C  C1    . KPT F 3 . ? 1.112   -11.915 -11.771 1.00 40.40 ? 101 KPT C C1    1 
HETATM 476 O  O     . HOH G 4 . ? 2.023   6.937   7.192   1.00 16.60 ? 101 HOH A O     1 
HETATM 477 O  O     . HOH G 4 . ? 2.446   14.737  12.212  1.00 14.51 ? 102 HOH A O     1 
HETATM 478 O  O     . HOH G 4 . ? 3.936   1.412   19.616  1.00 19.94 ? 103 HOH A O     1 
HETATM 479 O  O     . HOH G 4 . ? 8.381   -6.636  18.872  1.00 22.68 ? 104 HOH A O     1 
HETATM 480 O  O     . HOH G 4 . ? 6.901   -10.200 5.556   1.00 22.61 ? 105 HOH A O     1 
HETATM 481 O  O     . HOH G 4 . ? 9.795   3.424   11.626  1.00 25.99 ? 106 HOH A O     1 
HETATM 482 O  O     . HOH H 4 . ? -1.125  9.995   -7.412  1.00 20.89 ? 201 HOH B O     1 
HETATM 483 O  O     . HOH H 4 . ? -2.525  -3.774  8.461   1.00 30.51 ? 202 HOH B O     1 
HETATM 484 O  O     . HOH I 4 . ? 5.339   0.463   -19.110 1.00 19.00 ? 201 HOH C O     1 
HETATM 485 O  O     . HOH I 4 . ? 2.102   9.222   -15.117 1.00 29.66 ? 202 HOH C O     1 
HETATM 486 O  O     . HOH J 4 . ? 12.808  2.348   2.567   1.00 16.51 ? 101 HOH D O     1 
HETATM 487 O  O     . HOH J 4 . ? 4.372   -11.718 -0.039  1.00 23.77 ? 102 HOH D O     1 
HETATM 488 O  O     . HOH J 4 . ? 3.840   2.117   -5.676  1.00 11.69 ? 103 HOH D O     1 
HETATM 489 O  O     . HOH J 4 . ? -4.358  -8.065  -7.053  1.00 27.93 ? 104 HOH D O     1 
HETATM 490 O  O     . HOH J 4 . ? 10.316  1.061   -6.803  1.00 33.59 ? 105 HOH D O     1 
# 
loop_
_pdbx_poly_seq_scheme.asym_id 
_pdbx_poly_seq_scheme.entity_id 
_pdbx_poly_seq_scheme.seq_id 
_pdbx_poly_seq_scheme.mon_id 
_pdbx_poly_seq_scheme.ndb_seq_num 
_pdbx_poly_seq_scheme.pdb_seq_num 
_pdbx_poly_seq_scheme.auth_seq_num 
_pdbx_poly_seq_scheme.pdb_mon_id 
_pdbx_poly_seq_scheme.auth_mon_id 
_pdbx_poly_seq_scheme.pdb_strand_id 
_pdbx_poly_seq_scheme.pdb_ins_code 
_pdbx_poly_seq_scheme.hetero 
A 1 1 DC 1 1  1  DC C A . n 
A 1 2 DG 2 2  2  DG G A . n 
A 1 3 DT 3 3  3  DT T A . n 
A 1 4 DA 4 4  4  DA A A . n 
A 1 5 DC 5 5  5  DC C A . n 
A 1 6 DG 6 6  6  DG G A . n 
B 1 1 DC 1 7  7  DC C B . n 
B 1 2 DG 2 8  8  DG G B . n 
B 1 3 DT 3 9  9  DT T B . n 
B 1 4 DA 4 10 10 DA A B . n 
B 1 5 DC 5 11 11 DC C B . n 
B 1 6 DG 6 12 12 DG G B . n 
C 1 1 DC 1 1  1  DC C C . n 
C 1 2 DG 2 2  2  DG G C . n 
C 1 3 DT 3 3  3  DT T C . n 
C 1 4 DA 4 4  4  DA A C . n 
C 1 5 DC 5 5  5  DC C C . n 
C 1 6 DG 6 6  6  DG G C . n 
D 1 1 DC 1 7  7  DC C D . n 
D 1 2 DG 2 8  8  DG G D . n 
D 1 3 DT 3 9  9  DT T D . n 
D 1 4 DA 4 10 10 DA A D . n 
D 1 5 DC 5 11 11 DC C D . n 
D 1 6 DG 6 12 12 DG G D . n 
# 
loop_
_pdbx_nonpoly_scheme.asym_id 
_pdbx_nonpoly_scheme.entity_id 
_pdbx_nonpoly_scheme.mon_id 
_pdbx_nonpoly_scheme.ndb_seq_num 
_pdbx_nonpoly_scheme.pdb_seq_num 
_pdbx_nonpoly_scheme.auth_seq_num 
_pdbx_nonpoly_scheme.pdb_mon_id 
_pdbx_nonpoly_scheme.auth_mon_id 
_pdbx_nonpoly_scheme.pdb_strand_id 
_pdbx_nonpoly_scheme.pdb_ins_code 
E 2 CA  1 101 1  CA  CA  B . 
F 3 KPT 1 101 1  KPT KPT C . 
G 4 HOH 1 101 1  HOH HOH A . 
G 4 HOH 2 102 6  HOH HOH A . 
G 4 HOH 3 103 8  HOH HOH A . 
G 4 HOH 4 104 9  HOH HOH A . 
G 4 HOH 5 105 11 HOH HOH A . 
G 4 HOH 6 106 14 HOH HOH A . 
H 4 HOH 1 201 7  HOH HOH B . 
H 4 HOH 2 202 10 HOH HOH B . 
I 4 HOH 1 201 3  HOH HOH C . 
I 4 HOH 2 202 12 HOH HOH C . 
J 4 HOH 1 101 2  HOH HOH D . 
J 4 HOH 2 102 4  HOH HOH D . 
J 4 HOH 3 103 5  HOH HOH D . 
J 4 HOH 4 104 13 HOH HOH D . 
J 4 HOH 5 105 15 HOH HOH D . 
# 
loop_
_pdbx_struct_assembly.id 
_pdbx_struct_assembly.details 
_pdbx_struct_assembly.method_details 
_pdbx_struct_assembly.oligomeric_details 
_pdbx_struct_assembly.oligomeric_count 
1 author_and_software_defined_assembly PISA dimeric 2 
2 author_and_software_defined_assembly PISA dimeric 2 
# 
loop_
_pdbx_struct_assembly_gen.assembly_id 
_pdbx_struct_assembly_gen.oper_expression 
_pdbx_struct_assembly_gen.asym_id_list 
1 1 A,B,E,G,H 
2 1 C,D,F,I,J 
# 
loop_
_pdbx_struct_assembly_prop.biol_id 
_pdbx_struct_assembly_prop.type 
_pdbx_struct_assembly_prop.value 
_pdbx_struct_assembly_prop.details 
1 'ABSA (A^2)' 350  ? 
1 MORE         -3   ? 
1 'SSA (A^2)'  2700 ? 
2 'ABSA (A^2)' 580  ? 
2 MORE         -8   ? 
2 'SSA (A^2)'  2720 ? 
# 
_pdbx_struct_oper_list.id                   1 
_pdbx_struct_oper_list.type                 'identity operation' 
_pdbx_struct_oper_list.name                 1_555 
_pdbx_struct_oper_list.symmetry_operation   x,y,z 
_pdbx_struct_oper_list.matrix[1][1]         1.0000000000 
_pdbx_struct_oper_list.matrix[1][2]         0.0000000000 
_pdbx_struct_oper_list.matrix[1][3]         0.0000000000 
_pdbx_struct_oper_list.vector[1]            0.0000000000 
_pdbx_struct_oper_list.matrix[2][1]         0.0000000000 
_pdbx_struct_oper_list.matrix[2][2]         1.0000000000 
_pdbx_struct_oper_list.matrix[2][3]         0.0000000000 
_pdbx_struct_oper_list.vector[2]            0.0000000000 
_pdbx_struct_oper_list.matrix[3][1]         0.0000000000 
_pdbx_struct_oper_list.matrix[3][2]         0.0000000000 
_pdbx_struct_oper_list.matrix[3][3]         1.0000000000 
_pdbx_struct_oper_list.vector[3]            0.0000000000 
# 
_pdbx_struct_conn_angle.id                    1 
_pdbx_struct_conn_angle.ptnr1_label_atom_id   OP1 
_pdbx_struct_conn_angle.ptnr1_label_alt_id    ? 
_pdbx_struct_conn_angle.ptnr1_label_asym_id   B 
_pdbx_struct_conn_angle.ptnr1_label_comp_id   DG 
_pdbx_struct_conn_angle.ptnr1_label_seq_id    6 
_pdbx_struct_conn_angle.ptnr1_auth_atom_id    ? 
_pdbx_struct_conn_angle.ptnr1_auth_asym_id    B 
_pdbx_struct_conn_angle.ptnr1_auth_comp_id    DG 
_pdbx_struct_conn_angle.ptnr1_auth_seq_id     12 
_pdbx_struct_conn_angle.ptnr1_PDB_ins_code    ? 
_pdbx_struct_conn_angle.ptnr1_symmetry        1_555 
_pdbx_struct_conn_angle.ptnr2_label_atom_id   CA 
_pdbx_struct_conn_angle.ptnr2_label_alt_id    ? 
_pdbx_struct_conn_angle.ptnr2_label_asym_id   E 
_pdbx_struct_conn_angle.ptnr2_label_comp_id   CA 
_pdbx_struct_conn_angle.ptnr2_label_seq_id    . 
_pdbx_struct_conn_angle.ptnr2_auth_atom_id    ? 
_pdbx_struct_conn_angle.ptnr2_auth_asym_id    B 
_pdbx_struct_conn_angle.ptnr2_auth_comp_id    CA 
_pdbx_struct_conn_angle.ptnr2_auth_seq_id     101 
_pdbx_struct_conn_angle.ptnr2_PDB_ins_code    ? 
_pdbx_struct_conn_angle.ptnr2_symmetry        1_555 
_pdbx_struct_conn_angle.ptnr3_label_atom_id   OP1 
_pdbx_struct_conn_angle.ptnr3_label_alt_id    ? 
_pdbx_struct_conn_angle.ptnr3_label_asym_id   D 
_pdbx_struct_conn_angle.ptnr3_label_comp_id   DG 
_pdbx_struct_conn_angle.ptnr3_label_seq_id    6 
_pdbx_struct_conn_angle.ptnr3_auth_atom_id    ? 
_pdbx_struct_conn_angle.ptnr3_auth_asym_id    D 
_pdbx_struct_conn_angle.ptnr3_auth_comp_id    DG 
_pdbx_struct_conn_angle.ptnr3_auth_seq_id     12 
_pdbx_struct_conn_angle.ptnr3_PDB_ins_code    ? 
_pdbx_struct_conn_angle.ptnr3_symmetry        1_555 
_pdbx_struct_conn_angle.value                 65.5 
_pdbx_struct_conn_angle.value_esd             ? 
# 
loop_
_pdbx_audit_revision_history.ordinal 
_pdbx_audit_revision_history.data_content_type 
_pdbx_audit_revision_history.major_revision 
_pdbx_audit_revision_history.minor_revision 
_pdbx_audit_revision_history.revision_date 
1 'Structure model' 1 0 2013-01-23 
2 'Structure model' 1 1 2023-09-13 
# 
_pdbx_audit_revision_details.ordinal             1 
_pdbx_audit_revision_details.revision_ordinal    1 
_pdbx_audit_revision_details.data_content_type   'Structure model' 
_pdbx_audit_revision_details.provider            repository 
_pdbx_audit_revision_details.type                'Initial release' 
_pdbx_audit_revision_details.description         ? 
_pdbx_audit_revision_details.details             ? 
# 
loop_
_pdbx_audit_revision_group.ordinal 
_pdbx_audit_revision_group.revision_ordinal 
_pdbx_audit_revision_group.data_content_type 
_pdbx_audit_revision_group.group 
1 2 'Structure model' 'Data collection'        
2 2 'Structure model' 'Database references'    
3 2 'Structure model' 'Derived calculations'   
4 2 'Structure model' 'Refinement description' 
# 
loop_
_pdbx_audit_revision_category.ordinal 
_pdbx_audit_revision_category.revision_ordinal 
_pdbx_audit_revision_category.data_content_type 
_pdbx_audit_revision_category.category 
1 2 'Structure model' chem_comp_atom                
2 2 'Structure model' chem_comp_bond                
3 2 'Structure model' database_2                    
4 2 'Structure model' pdbx_initial_refinement_model 
5 2 'Structure model' struct_conn                   
6 2 'Structure model' struct_site                   
# 
loop_
_pdbx_audit_revision_item.ordinal 
_pdbx_audit_revision_item.revision_ordinal 
_pdbx_audit_revision_item.data_content_type 
_pdbx_audit_revision_item.item 
1  2 'Structure model' '_database_2.pdbx_DOI'                
2  2 'Structure model' '_database_2.pdbx_database_accession' 
3  2 'Structure model' '_struct_conn.ptnr1_auth_asym_id'     
4  2 'Structure model' '_struct_conn.ptnr1_auth_comp_id'     
5  2 'Structure model' '_struct_conn.ptnr1_auth_seq_id'      
6  2 'Structure model' '_struct_conn.ptnr1_label_asym_id'    
7  2 'Structure model' '_struct_conn.ptnr1_label_atom_id'    
8  2 'Structure model' '_struct_conn.ptnr1_label_comp_id'    
9  2 'Structure model' '_struct_conn.ptnr1_label_seq_id'     
10 2 'Structure model' '_struct_conn.ptnr2_auth_asym_id'     
11 2 'Structure model' '_struct_conn.ptnr2_auth_comp_id'     
12 2 'Structure model' '_struct_conn.ptnr2_auth_seq_id'      
13 2 'Structure model' '_struct_conn.ptnr2_label_asym_id'    
14 2 'Structure model' '_struct_conn.ptnr2_label_atom_id'    
15 2 'Structure model' '_struct_conn.ptnr2_label_comp_id'    
16 2 'Structure model' '_struct_conn.ptnr2_label_seq_id'     
17 2 'Structure model' '_struct_site.pdbx_auth_asym_id'      
18 2 'Structure model' '_struct_site.pdbx_auth_comp_id'      
19 2 'Structure model' '_struct_site.pdbx_auth_seq_id'       
# 
_pdbx_phasing_MR.entry_id                     4D9X 
_pdbx_phasing_MR.method_rotation              ? 
_pdbx_phasing_MR.method_translation           ? 
_pdbx_phasing_MR.model_details                ? 
_pdbx_phasing_MR.R_factor                     ? 
_pdbx_phasing_MR.R_rigid_body                 ? 
_pdbx_phasing_MR.correlation_coeff_Fo_to_Fc   ? 
_pdbx_phasing_MR.correlation_coeff_Io_to_Ic   ? 
_pdbx_phasing_MR.d_res_high_rotation          3.500 
_pdbx_phasing_MR.d_res_low_rotation           26.230 
_pdbx_phasing_MR.d_res_high_translation       3.500 
_pdbx_phasing_MR.d_res_low_translation        26.230 
_pdbx_phasing_MR.packing                      ? 
_pdbx_phasing_MR.reflns_percent_rotation      ? 
_pdbx_phasing_MR.reflns_percent_translation   ? 
_pdbx_phasing_MR.sigma_F_rotation             ? 
_pdbx_phasing_MR.sigma_F_translation          ? 
_pdbx_phasing_MR.sigma_I_rotation             ? 
_pdbx_phasing_MR.sigma_I_translation          ? 
# 
_phasing.method   MR 
# 
loop_
_software.pdbx_ordinal 
_software.name 
_software.version 
_software.date 
_software.type 
_software.contact_author 
_software.contact_author_email 
_software.classification 
_software.location 
_software.language 
_software.citation_id 
1 XSCALE      .    ?               package 'Wolfgang Kabsch'    ?                        'data scaling'    
http://www.mpimf-heidelberg.mpg.de/~kabsch/xds/html_doc/xscale_program.html ?          ? 
2 MOLREP      .    ?               program 'Alexei Vaguine'     alexei@ysbl.york.ac.uk   phasing           
http://www.ccp4.ac.uk/dist/html/molrep.html                                 Fortran_77 ? 
3 REFMAC      .    ?               program 'Garib N. Murshudov' garib@ysbl.york.ac.uk    refinement        
http://www.ccp4.ac.uk/dist/html/refmac5.html                                Fortran_77 ? 
4 PDB_EXTRACT 3.10 'June 10, 2010' package PDB                  deposit@deposit.rcsb.org 'data extraction' 
http://sw-tools.pdb.org/apps/PDB_EXTRACT/                                   C++        ? 
5 CrysalisPro .    ?               ?       ?                    ?                        'data collection' ? ?          ? 
6 XDS         .    ?               ?       ?                    ?                        'data reduction'  ? ?          ? 
7 XDS         .    ?               ?       ?                    ?                        'data scaling'    ? ?          ? 
# 
loop_
_pdbx_validate_rmsd_angle.id 
_pdbx_validate_rmsd_angle.PDB_model_num 
_pdbx_validate_rmsd_angle.auth_atom_id_1 
_pdbx_validate_rmsd_angle.auth_asym_id_1 
_pdbx_validate_rmsd_angle.auth_comp_id_1 
_pdbx_validate_rmsd_angle.auth_seq_id_1 
_pdbx_validate_rmsd_angle.PDB_ins_code_1 
_pdbx_validate_rmsd_angle.label_alt_id_1 
_pdbx_validate_rmsd_angle.auth_atom_id_2 
_pdbx_validate_rmsd_angle.auth_asym_id_2 
_pdbx_validate_rmsd_angle.auth_comp_id_2 
_pdbx_validate_rmsd_angle.auth_seq_id_2 
_pdbx_validate_rmsd_angle.PDB_ins_code_2 
_pdbx_validate_rmsd_angle.label_alt_id_2 
_pdbx_validate_rmsd_angle.auth_atom_id_3 
_pdbx_validate_rmsd_angle.auth_asym_id_3 
_pdbx_validate_rmsd_angle.auth_comp_id_3 
_pdbx_validate_rmsd_angle.auth_seq_id_3 
_pdbx_validate_rmsd_angle.PDB_ins_code_3 
_pdbx_validate_rmsd_angle.label_alt_id_3 
_pdbx_validate_rmsd_angle.angle_value 
_pdbx_validate_rmsd_angle.angle_target_value 
_pdbx_validate_rmsd_angle.angle_deviation 
_pdbx_validate_rmsd_angle.angle_standard_deviation 
_pdbx_validate_rmsd_angle.linker_flag 
1  1 "O4'" A DT 3  ? ? "C1'" A DT 3  ? ? N1    A DT 3  ? ? 110.20 108.30 1.90  0.30 N 
2  1 "O4'" B DC 11 ? ? "C1'" B DC 11 ? ? N1    B DC 11 ? ? 110.93 108.30 2.63  0.30 N 
3  1 "O4'" C DT 3  ? ? "C1'" C DT 3  ? ? N1    C DT 3  ? ? 112.38 108.30 4.08  0.30 N 
4  1 "O4'" C DA 4  ? ? "C1'" C DA 4  ? ? N9    C DA 4  ? ? 111.50 108.30 3.20  0.30 N 
5  1 "C1'" C DC 5  ? ? "O4'" C DC 5  ? ? "C4'" C DC 5  ? ? 103.31 110.10 -6.79 1.00 N 
6  1 "O4'" C DC 5  ? ? "C1'" C DC 5  ? ? N1    C DC 5  ? ? 111.51 108.30 3.21  0.30 N 
7  1 "O4'" D DC 7  ? ? "C1'" D DC 7  ? ? N1    D DC 7  ? ? 112.15 108.30 3.85  0.30 N 
8  1 "O4'" D DG 8  ? ? "C1'" D DG 8  ? ? N9    D DG 8  ? ? 110.75 108.30 2.45  0.30 N 
9  1 N1    D DA 10 ? ? C2    D DA 10 ? ? N3    D DA 10 ? ? 126.04 129.30 -3.26 0.50 N 
10 1 "O4'" D DC 11 ? ? "C1'" D DC 11 ? ? N1    D DC 11 ? ? 110.44 108.30 2.14  0.30 N 
11 1 "C3'" D DC 11 ? ? "O3'" D DC 11 ? ? P     D DG 12 ? ? 126.96 119.70 7.26  1.20 Y 
# 
loop_
_pdbx_unobs_or_zero_occ_atoms.id 
_pdbx_unobs_or_zero_occ_atoms.PDB_model_num 
_pdbx_unobs_or_zero_occ_atoms.polymer_flag 
_pdbx_unobs_or_zero_occ_atoms.occupancy_flag 
_pdbx_unobs_or_zero_occ_atoms.auth_asym_id 
_pdbx_unobs_or_zero_occ_atoms.auth_comp_id 
_pdbx_unobs_or_zero_occ_atoms.auth_seq_id 
_pdbx_unobs_or_zero_occ_atoms.PDB_ins_code 
_pdbx_unobs_or_zero_occ_atoms.auth_atom_id 
_pdbx_unobs_or_zero_occ_atoms.label_alt_id 
_pdbx_unobs_or_zero_occ_atoms.label_asym_id 
_pdbx_unobs_or_zero_occ_atoms.label_comp_id 
_pdbx_unobs_or_zero_occ_atoms.label_seq_id 
_pdbx_unobs_or_zero_occ_atoms.label_atom_id 
1  1 Y 1 A DC 1 ? "O5'" ? A DC 1 "O5'" 
2  1 Y 1 A DC 1 ? "C5'" ? A DC 1 "C5'" 
3  1 Y 1 A DC 1 ? "C4'" ? A DC 1 "C4'" 
4  1 Y 1 A DC 1 ? "O4'" ? A DC 1 "O4'" 
5  1 Y 1 A DC 1 ? "C3'" ? A DC 1 "C3'" 
6  1 Y 1 A DC 1 ? "C2'" ? A DC 1 "C2'" 
7  1 Y 1 A DC 1 ? "C1'" ? A DC 1 "C1'" 
8  1 Y 1 A DC 1 ? N1    ? A DC 1 N1    
9  1 Y 1 A DC 1 ? C2    ? A DC 1 C2    
10 1 Y 1 A DC 1 ? O2    ? A DC 1 O2    
11 1 Y 1 A DC 1 ? N3    ? A DC 1 N3    
12 1 Y 1 A DC 1 ? C4    ? A DC 1 C4    
13 1 Y 1 A DC 1 ? N4    ? A DC 1 N4    
14 1 Y 1 A DC 1 ? C5    ? A DC 1 C5    
15 1 Y 1 A DC 1 ? C6    ? A DC 1 C6    
16 1 Y 1 C DC 1 ? "O5'" ? C DC 1 "O5'" 
17 1 Y 1 C DC 1 ? "C5'" ? C DC 1 "C5'" 
18 1 Y 1 C DC 1 ? "C4'" ? C DC 1 "C4'" 
19 1 Y 1 C DC 1 ? "O4'" ? C DC 1 "O4'" 
20 1 Y 1 C DC 1 ? "C3'" ? C DC 1 "C3'" 
21 1 Y 1 C DC 1 ? "C2'" ? C DC 1 "C2'" 
22 1 Y 1 C DC 1 ? "C1'" ? C DC 1 "C1'" 
23 1 Y 1 C DC 1 ? N1    ? C DC 1 N1    
24 1 Y 1 C DC 1 ? C2    ? C DC 1 C2    
25 1 Y 1 C DC 1 ? O2    ? C DC 1 O2    
26 1 Y 1 C DC 1 ? N3    ? C DC 1 N3    
27 1 Y 1 C DC 1 ? C4    ? C DC 1 C4    
28 1 Y 1 C DC 1 ? N4    ? C DC 1 N4    
29 1 Y 1 C DC 1 ? C5    ? C DC 1 C5    
30 1 Y 1 C DC 1 ? C6    ? C DC 1 C6    
# 
loop_
_chem_comp_atom.comp_id 
_chem_comp_atom.atom_id 
_chem_comp_atom.type_symbol 
_chem_comp_atom.pdbx_aromatic_flag 
_chem_comp_atom.pdbx_stereo_config 
_chem_comp_atom.pdbx_ordinal 
CA  CA     CA N N 1   
DA  OP3    O  N N 2   
DA  P      P  N N 3   
DA  OP1    O  N N 4   
DA  OP2    O  N N 5   
DA  "O5'"  O  N N 6   
DA  "C5'"  C  N N 7   
DA  "C4'"  C  N R 8   
DA  "O4'"  O  N N 9   
DA  "C3'"  C  N S 10  
DA  "O3'"  O  N N 11  
DA  "C2'"  C  N N 12  
DA  "C1'"  C  N R 13  
DA  N9     N  Y N 14  
DA  C8     C  Y N 15  
DA  N7     N  Y N 16  
DA  C5     C  Y N 17  
DA  C6     C  Y N 18  
DA  N6     N  N N 19  
DA  N1     N  Y N 20  
DA  C2     C  Y N 21  
DA  N3     N  Y N 22  
DA  C4     C  Y N 23  
DA  HOP3   H  N N 24  
DA  HOP2   H  N N 25  
DA  "H5'"  H  N N 26  
DA  "H5''" H  N N 27  
DA  "H4'"  H  N N 28  
DA  "H3'"  H  N N 29  
DA  "HO3'" H  N N 30  
DA  "H2'"  H  N N 31  
DA  "H2''" H  N N 32  
DA  "H1'"  H  N N 33  
DA  H8     H  N N 34  
DA  H61    H  N N 35  
DA  H62    H  N N 36  
DA  H2     H  N N 37  
DC  OP3    O  N N 38  
DC  P      P  N N 39  
DC  OP1    O  N N 40  
DC  OP2    O  N N 41  
DC  "O5'"  O  N N 42  
DC  "C5'"  C  N N 43  
DC  "C4'"  C  N R 44  
DC  "O4'"  O  N N 45  
DC  "C3'"  C  N S 46  
DC  "O3'"  O  N N 47  
DC  "C2'"  C  N N 48  
DC  "C1'"  C  N R 49  
DC  N1     N  N N 50  
DC  C2     C  N N 51  
DC  O2     O  N N 52  
DC  N3     N  N N 53  
DC  C4     C  N N 54  
DC  N4     N  N N 55  
DC  C5     C  N N 56  
DC  C6     C  N N 57  
DC  HOP3   H  N N 58  
DC  HOP2   H  N N 59  
DC  "H5'"  H  N N 60  
DC  "H5''" H  N N 61  
DC  "H4'"  H  N N 62  
DC  "H3'"  H  N N 63  
DC  "HO3'" H  N N 64  
DC  "H2'"  H  N N 65  
DC  "H2''" H  N N 66  
DC  "H1'"  H  N N 67  
DC  H41    H  N N 68  
DC  H42    H  N N 69  
DC  H5     H  N N 70  
DC  H6     H  N N 71  
DG  OP3    O  N N 72  
DG  P      P  N N 73  
DG  OP1    O  N N 74  
DG  OP2    O  N N 75  
DG  "O5'"  O  N N 76  
DG  "C5'"  C  N N 77  
DG  "C4'"  C  N R 78  
DG  "O4'"  O  N N 79  
DG  "C3'"  C  N S 80  
DG  "O3'"  O  N N 81  
DG  "C2'"  C  N N 82  
DG  "C1'"  C  N R 83  
DG  N9     N  Y N 84  
DG  C8     C  Y N 85  
DG  N7     N  Y N 86  
DG  C5     C  Y N 87  
DG  C6     C  N N 88  
DG  O6     O  N N 89  
DG  N1     N  N N 90  
DG  C2     C  N N 91  
DG  N2     N  N N 92  
DG  N3     N  N N 93  
DG  C4     C  Y N 94  
DG  HOP3   H  N N 95  
DG  HOP2   H  N N 96  
DG  "H5'"  H  N N 97  
DG  "H5''" H  N N 98  
DG  "H4'"  H  N N 99  
DG  "H3'"  H  N N 100 
DG  "HO3'" H  N N 101 
DG  "H2'"  H  N N 102 
DG  "H2''" H  N N 103 
DG  "H1'"  H  N N 104 
DG  H8     H  N N 105 
DG  H1     H  N N 106 
DG  H21    H  N N 107 
DG  H22    H  N N 108 
DT  OP3    O  N N 109 
DT  P      P  N N 110 
DT  OP1    O  N N 111 
DT  OP2    O  N N 112 
DT  "O5'"  O  N N 113 
DT  "C5'"  C  N N 114 
DT  "C4'"  C  N R 115 
DT  "O4'"  O  N N 116 
DT  "C3'"  C  N S 117 
DT  "O3'"  O  N N 118 
DT  "C2'"  C  N N 119 
DT  "C1'"  C  N R 120 
DT  N1     N  N N 121 
DT  C2     C  N N 122 
DT  O2     O  N N 123 
DT  N3     N  N N 124 
DT  C4     C  N N 125 
DT  O4     O  N N 126 
DT  C5     C  N N 127 
DT  C7     C  N N 128 
DT  C6     C  N N 129 
DT  HOP3   H  N N 130 
DT  HOP2   H  N N 131 
DT  "H5'"  H  N N 132 
DT  "H5''" H  N N 133 
DT  "H4'"  H  N N 134 
DT  "H3'"  H  N N 135 
DT  "HO3'" H  N N 136 
DT  "H2'"  H  N N 137 
DT  "H2''" H  N N 138 
DT  "H1'"  H  N N 139 
DT  H3     H  N N 140 
DT  H71    H  N N 141 
DT  H72    H  N N 142 
DT  H73    H  N N 143 
DT  H6     H  N N 144 
HOH O      O  N N 145 
HOH H1     H  N N 146 
HOH H2     H  N N 147 
KPT C36    C  N N 148 
KPT O4     O  N N 149 
KPT O3     O  N N 150 
KPT C18    C  Y N 151 
KPT C13    C  Y N 152 
KPT C14    C  Y N 153 
KPT C17    C  Y N 154 
KPT C16    C  Y N 155 
KPT C15    C  Y N 156 
KPT C12    C  Y N 157 
KPT C11    C  Y N 158 
KPT C10    C  Y N 159 
KPT N      N  Y N 160 
KPT C9     C  N N 161 
KPT C8     C  N N 162 
KPT C6     C  Y N 163 
KPT C5     C  Y N 164 
KPT C4     C  Y N 165 
KPT C7     C  Y N 166 
KPT C3     C  Y N 167 
KPT C2     C  Y N 168 
KPT O2     O  N N 169 
KPT O1     O  N N 170 
KPT C1     C  N N 171 
KPT H1     H  N N 172 
KPT H21    H  N N 173 
KPT H2     H  N N 174 
KPT H3     H  N N 175 
KPT H4     H  N N 176 
KPT H5     H  N N 177 
KPT H6     H  N N 178 
KPT H7     H  N N 179 
KPT H8     H  N N 180 
KPT H9     H  N N 181 
KPT H10    H  N N 182 
KPT H11    H  N N 183 
KPT H12    H  N N 184 
KPT H14    H  N N 185 
# 
loop_
_chem_comp_bond.comp_id 
_chem_comp_bond.atom_id_1 
_chem_comp_bond.atom_id_2 
_chem_comp_bond.value_order 
_chem_comp_bond.pdbx_aromatic_flag 
_chem_comp_bond.pdbx_stereo_config 
_chem_comp_bond.pdbx_ordinal 
DA  OP3   P      sing N N 1   
DA  OP3   HOP3   sing N N 2   
DA  P     OP1    doub N N 3   
DA  P     OP2    sing N N 4   
DA  P     "O5'"  sing N N 5   
DA  OP2   HOP2   sing N N 6   
DA  "O5'" "C5'"  sing N N 7   
DA  "C5'" "C4'"  sing N N 8   
DA  "C5'" "H5'"  sing N N 9   
DA  "C5'" "H5''" sing N N 10  
DA  "C4'" "O4'"  sing N N 11  
DA  "C4'" "C3'"  sing N N 12  
DA  "C4'" "H4'"  sing N N 13  
DA  "O4'" "C1'"  sing N N 14  
DA  "C3'" "O3'"  sing N N 15  
DA  "C3'" "C2'"  sing N N 16  
DA  "C3'" "H3'"  sing N N 17  
DA  "O3'" "HO3'" sing N N 18  
DA  "C2'" "C1'"  sing N N 19  
DA  "C2'" "H2'"  sing N N 20  
DA  "C2'" "H2''" sing N N 21  
DA  "C1'" N9     sing N N 22  
DA  "C1'" "H1'"  sing N N 23  
DA  N9    C8     sing Y N 24  
DA  N9    C4     sing Y N 25  
DA  C8    N7     doub Y N 26  
DA  C8    H8     sing N N 27  
DA  N7    C5     sing Y N 28  
DA  C5    C6     sing Y N 29  
DA  C5    C4     doub Y N 30  
DA  C6    N6     sing N N 31  
DA  C6    N1     doub Y N 32  
DA  N6    H61    sing N N 33  
DA  N6    H62    sing N N 34  
DA  N1    C2     sing Y N 35  
DA  C2    N3     doub Y N 36  
DA  C2    H2     sing N N 37  
DA  N3    C4     sing Y N 38  
DC  OP3   P      sing N N 39  
DC  OP3   HOP3   sing N N 40  
DC  P     OP1    doub N N 41  
DC  P     OP2    sing N N 42  
DC  P     "O5'"  sing N N 43  
DC  OP2   HOP2   sing N N 44  
DC  "O5'" "C5'"  sing N N 45  
DC  "C5'" "C4'"  sing N N 46  
DC  "C5'" "H5'"  sing N N 47  
DC  "C5'" "H5''" sing N N 48  
DC  "C4'" "O4'"  sing N N 49  
DC  "C4'" "C3'"  sing N N 50  
DC  "C4'" "H4'"  sing N N 51  
DC  "O4'" "C1'"  sing N N 52  
DC  "C3'" "O3'"  sing N N 53  
DC  "C3'" "C2'"  sing N N 54  
DC  "C3'" "H3'"  sing N N 55  
DC  "O3'" "HO3'" sing N N 56  
DC  "C2'" "C1'"  sing N N 57  
DC  "C2'" "H2'"  sing N N 58  
DC  "C2'" "H2''" sing N N 59  
DC  "C1'" N1     sing N N 60  
DC  "C1'" "H1'"  sing N N 61  
DC  N1    C2     sing N N 62  
DC  N1    C6     sing N N 63  
DC  C2    O2     doub N N 64  
DC  C2    N3     sing N N 65  
DC  N3    C4     doub N N 66  
DC  C4    N4     sing N N 67  
DC  C4    C5     sing N N 68  
DC  N4    H41    sing N N 69  
DC  N4    H42    sing N N 70  
DC  C5    C6     doub N N 71  
DC  C5    H5     sing N N 72  
DC  C6    H6     sing N N 73  
DG  OP3   P      sing N N 74  
DG  OP3   HOP3   sing N N 75  
DG  P     OP1    doub N N 76  
DG  P     OP2    sing N N 77  
DG  P     "O5'"  sing N N 78  
DG  OP2   HOP2   sing N N 79  
DG  "O5'" "C5'"  sing N N 80  
DG  "C5'" "C4'"  sing N N 81  
DG  "C5'" "H5'"  sing N N 82  
DG  "C5'" "H5''" sing N N 83  
DG  "C4'" "O4'"  sing N N 84  
DG  "C4'" "C3'"  sing N N 85  
DG  "C4'" "H4'"  sing N N 86  
DG  "O4'" "C1'"  sing N N 87  
DG  "C3'" "O3'"  sing N N 88  
DG  "C3'" "C2'"  sing N N 89  
DG  "C3'" "H3'"  sing N N 90  
DG  "O3'" "HO3'" sing N N 91  
DG  "C2'" "C1'"  sing N N 92  
DG  "C2'" "H2'"  sing N N 93  
DG  "C2'" "H2''" sing N N 94  
DG  "C1'" N9     sing N N 95  
DG  "C1'" "H1'"  sing N N 96  
DG  N9    C8     sing Y N 97  
DG  N9    C4     sing Y N 98  
DG  C8    N7     doub Y N 99  
DG  C8    H8     sing N N 100 
DG  N7    C5     sing Y N 101 
DG  C5    C6     sing N N 102 
DG  C5    C4     doub Y N 103 
DG  C6    O6     doub N N 104 
DG  C6    N1     sing N N 105 
DG  N1    C2     sing N N 106 
DG  N1    H1     sing N N 107 
DG  C2    N2     sing N N 108 
DG  C2    N3     doub N N 109 
DG  N2    H21    sing N N 110 
DG  N2    H22    sing N N 111 
DG  N3    C4     sing N N 112 
DT  OP3   P      sing N N 113 
DT  OP3   HOP3   sing N N 114 
DT  P     OP1    doub N N 115 
DT  P     OP2    sing N N 116 
DT  P     "O5'"  sing N N 117 
DT  OP2   HOP2   sing N N 118 
DT  "O5'" "C5'"  sing N N 119 
DT  "C5'" "C4'"  sing N N 120 
DT  "C5'" "H5'"  sing N N 121 
DT  "C5'" "H5''" sing N N 122 
DT  "C4'" "O4'"  sing N N 123 
DT  "C4'" "C3'"  sing N N 124 
DT  "C4'" "H4'"  sing N N 125 
DT  "O4'" "C1'"  sing N N 126 
DT  "C3'" "O3'"  sing N N 127 
DT  "C3'" "C2'"  sing N N 128 
DT  "C3'" "H3'"  sing N N 129 
DT  "O3'" "HO3'" sing N N 130 
DT  "C2'" "C1'"  sing N N 131 
DT  "C2'" "H2'"  sing N N 132 
DT  "C2'" "H2''" sing N N 133 
DT  "C1'" N1     sing N N 134 
DT  "C1'" "H1'"  sing N N 135 
DT  N1    C2     sing N N 136 
DT  N1    C6     sing N N 137 
DT  C2    O2     doub N N 138 
DT  C2    N3     sing N N 139 
DT  N3    C4     sing N N 140 
DT  N3    H3     sing N N 141 
DT  C4    O4     doub N N 142 
DT  C4    C5     sing N N 143 
DT  C5    C7     sing N N 144 
DT  C5    C6     doub N N 145 
DT  C7    H71    sing N N 146 
DT  C7    H72    sing N N 147 
DT  C7    H73    sing N N 148 
DT  C6    H6     sing N N 149 
HOH O     H1     sing N N 150 
HOH O     H2     sing N N 151 
KPT O4    C36    sing N N 152 
KPT O3    C36    sing N N 153 
KPT C18   O3     sing N N 154 
KPT C13   C14    sing Y N 155 
KPT C13   C18    sing Y N 156 
KPT C17   C18    doub Y N 157 
KPT C17   O4     sing N N 158 
KPT C16   C17    sing Y N 159 
KPT C15   C12    sing Y N 160 
KPT C15   C16    doub Y N 161 
KPT C12   C13    doub Y N 162 
KPT C11   C10    doub Y N 163 
KPT C11   C12    sing Y N 164 
KPT C10   N      sing Y N 165 
KPT N     C9     sing N N 166 
KPT N     C14    doub Y N 167 
KPT C8    C9     sing N N 168 
KPT C6    C5     sing Y N 169 
KPT C6    C10    sing N N 170 
KPT C5    C8     sing N N 171 
KPT C4    C5     doub Y N 172 
KPT C7    C6     doub Y N 173 
KPT C3    C2     doub Y N 174 
KPT C3    C7     sing Y N 175 
KPT C2    C4     sing Y N 176 
KPT O2    C2     sing N N 177 
KPT O1    C3     sing N N 178 
KPT C1    O1     sing N N 179 
KPT C1    O2     sing N N 180 
KPT C36   H1     sing N N 181 
KPT C36   H21    sing N N 182 
KPT C14   H2     sing N N 183 
KPT C16   H3     sing N N 184 
KPT C15   H4     sing N N 185 
KPT C11   H5     sing N N 186 
KPT C9    H6     sing N N 187 
KPT C9    H7     sing N N 188 
KPT C8    H8     sing N N 189 
KPT C8    H9     sing N N 190 
KPT C4    H10    sing N N 191 
KPT C7    H11    sing N N 192 
KPT C1    H12    sing N N 193 
KPT C1    H14    sing N N 194 
# 
loop_
_ndb_struct_conf_na.entry_id 
_ndb_struct_conf_na.feature 
4D9X 'double helix'        
4D9X 'b-form double helix' 
# 
loop_
_ndb_struct_na_base_pair.model_number 
_ndb_struct_na_base_pair.i_label_asym_id 
_ndb_struct_na_base_pair.i_label_comp_id 
_ndb_struct_na_base_pair.i_label_seq_id 
_ndb_struct_na_base_pair.i_symmetry 
_ndb_struct_na_base_pair.j_label_asym_id 
_ndb_struct_na_base_pair.j_label_comp_id 
_ndb_struct_na_base_pair.j_label_seq_id 
_ndb_struct_na_base_pair.j_symmetry 
_ndb_struct_na_base_pair.shear 
_ndb_struct_na_base_pair.stretch 
_ndb_struct_na_base_pair.stagger 
_ndb_struct_na_base_pair.buckle 
_ndb_struct_na_base_pair.propeller 
_ndb_struct_na_base_pair.opening 
_ndb_struct_na_base_pair.pair_number 
_ndb_struct_na_base_pair.pair_name 
_ndb_struct_na_base_pair.i_auth_asym_id 
_ndb_struct_na_base_pair.i_auth_seq_id 
_ndb_struct_na_base_pair.i_PDB_ins_code 
_ndb_struct_na_base_pair.j_auth_asym_id 
_ndb_struct_na_base_pair.j_auth_seq_id 
_ndb_struct_na_base_pair.j_PDB_ins_code 
_ndb_struct_na_base_pair.hbond_type_28 
_ndb_struct_na_base_pair.hbond_type_12 
1 B DG 2 1_555 A DC 5 1_555 -0.768 -0.336 0.614  -15.612 -3.056 -2.049 1 B_DG8:DC5_A  B 8  ? A 5  ? 19 1 
1 B DT 3 1_555 A DA 4 1_555 -0.731 -0.146 -0.110 1.023   -4.553 -5.999 2 B_DT9:DA4_A  B 9  ? A 4  ? 20 1 
1 B DA 4 1_555 A DT 3 1_555 -0.333 0.193  0.259  -2.342  -5.190 2.444  3 B_DA10:DT3_A B 10 ? A 3  ? 20 1 
1 B DC 5 1_555 A DG 2 1_555 0.610  -0.077 0.344  5.280   -1.288 3.125  4 B_DC11:DG2_A B 11 ? A 2  ? 19 1 
1 C DG 2 1_555 D DC 5 1_555 0.084  -0.386 0.159  -7.651  4.011  -2.688 5 C_DG2:DC11_D C 2  ? D 11 ? 19 1 
1 C DT 3 1_555 D DA 4 1_555 -0.942 -0.226 -0.062 -3.538  -1.670 -4.216 6 C_DT3:DA10_D C 3  ? D 10 ? 20 1 
1 C DA 4 1_555 D DT 3 1_555 -0.490 -0.254 0.021  -0.827  -1.337 -6.888 7 C_DA4:DT9_D  C 4  ? D 9  ? 20 1 
1 C DC 5 1_555 D DG 2 1_555 0.719  -0.461 -0.118 11.972  -0.651 1.207  8 C_DC5:DG8_D  C 5  ? D 8  ? 19 1 
# 
loop_
_ndb_struct_na_base_pair_step.model_number 
_ndb_struct_na_base_pair_step.i_label_asym_id_1 
_ndb_struct_na_base_pair_step.i_label_comp_id_1 
_ndb_struct_na_base_pair_step.i_label_seq_id_1 
_ndb_struct_na_base_pair_step.i_symmetry_1 
_ndb_struct_na_base_pair_step.j_label_asym_id_1 
_ndb_struct_na_base_pair_step.j_label_comp_id_1 
_ndb_struct_na_base_pair_step.j_label_seq_id_1 
_ndb_struct_na_base_pair_step.j_symmetry_1 
_ndb_struct_na_base_pair_step.i_label_asym_id_2 
_ndb_struct_na_base_pair_step.i_label_comp_id_2 
_ndb_struct_na_base_pair_step.i_label_seq_id_2 
_ndb_struct_na_base_pair_step.i_symmetry_2 
_ndb_struct_na_base_pair_step.j_label_asym_id_2 
_ndb_struct_na_base_pair_step.j_label_comp_id_2 
_ndb_struct_na_base_pair_step.j_label_seq_id_2 
_ndb_struct_na_base_pair_step.j_symmetry_2 
_ndb_struct_na_base_pair_step.shift 
_ndb_struct_na_base_pair_step.slide 
_ndb_struct_na_base_pair_step.rise 
_ndb_struct_na_base_pair_step.tilt 
_ndb_struct_na_base_pair_step.roll 
_ndb_struct_na_base_pair_step.twist 
_ndb_struct_na_base_pair_step.x_displacement 
_ndb_struct_na_base_pair_step.y_displacement 
_ndb_struct_na_base_pair_step.helical_rise 
_ndb_struct_na_base_pair_step.inclination 
_ndb_struct_na_base_pair_step.tip 
_ndb_struct_na_base_pair_step.helical_twist 
_ndb_struct_na_base_pair_step.step_number 
_ndb_struct_na_base_pair_step.step_name 
_ndb_struct_na_base_pair_step.i_auth_asym_id_1 
_ndb_struct_na_base_pair_step.i_auth_seq_id_1 
_ndb_struct_na_base_pair_step.i_PDB_ins_code_1 
_ndb_struct_na_base_pair_step.j_auth_asym_id_1 
_ndb_struct_na_base_pair_step.j_auth_seq_id_1 
_ndb_struct_na_base_pair_step.j_PDB_ins_code_1 
_ndb_struct_na_base_pair_step.i_auth_asym_id_2 
_ndb_struct_na_base_pair_step.i_auth_seq_id_2 
_ndb_struct_na_base_pair_step.i_PDB_ins_code_2 
_ndb_struct_na_base_pair_step.j_auth_asym_id_2 
_ndb_struct_na_base_pair_step.j_auth_seq_id_2 
_ndb_struct_na_base_pair_step.j_PDB_ins_code_2 
1 B DG 2 1_555 A DC 5 1_555 B DT 3 1_555 A DA 4 1_555 -1.166 -0.723 2.976 5.197  6.999  31.137  -2.365 2.886  2.536 12.728 -9.451 
32.306  1 BB_DG8DT9:DA4DC5_AA   B 8  ? A 5  ? B 9  ? A 4  ? 
1 B DT 3 1_555 A DA 4 1_555 B DA 4 1_555 A DT 3 1_555 0.047  -0.105 3.296 -4.488 -2.481 41.695  0.114  -0.536 3.274 -3.470 6.276  
41.995  2 BB_DT9DA10:DT3DA4_AA  B 9  ? A 4  ? B 10 ? A 3  ? 
1 B DA 4 1_555 A DT 3 1_555 B DC 5 1_555 A DG 2 1_555 0.394  -0.419 3.317 -1.046 3.965  30.432  -1.573 -0.951 3.223 7.511  1.982  
30.700  3 BB_DA10DC11:DG2DT3_AA B 10 ? A 3  ? B 11 ? A 2  ? 
1 B DC 5 1_555 A DG 2 1_555 C DG 2 1_555 D DC 5 1_555 -0.169 1.299  3.550 2.231  4.825  -69.551 -1.322 -0.062 3.469 -4.224 1.953  
-69.729 4 BC_DC11DG2:DC11DG2_DA B 11 ? A 2  ? C 2  ? D 11 ? 
1 C DG 2 1_555 D DC 5 1_555 C DT 3 1_555 D DA 4 1_555 -0.293 -0.657 3.320 1.421  2.043  19.420  -2.928 1.553  3.205 6.025  -4.190 
19.578  5 CC_DG2DT3:DA10DC11_DD C 2  ? D 11 ? C 3  ? D 10 ? 
1 C DT 3 1_555 D DA 4 1_555 C DA 4 1_555 D DT 3 1_555 0.280  -0.410 3.185 1.601  1.470  40.089  -0.760 -0.230 3.177 2.142  -2.334 
40.145  6 CC_DT3DA4:DT9DA10_DD  C 3  ? D 10 ? C 4  ? D 9  ? 
1 C DA 4 1_555 D DT 3 1_555 C DC 5 1_555 D DG 2 1_555 1.349  -0.300 3.133 -0.508 6.036  33.725  -1.409 -2.367 3.016 10.300 0.867  
34.249  7 CC_DA4DC5:DG8DT9_DD   C 4  ? D 9  ? C 5  ? D 8  ? 
# 
loop_
_pdbx_entity_nonpoly.entity_id 
_pdbx_entity_nonpoly.name 
_pdbx_entity_nonpoly.comp_id 
2 'CALCIUM ION'                                                                     CA  
3 '6,7-dihydro[1,3]dioxolo[4,5-g][1,3]dioxolo[7,8]isoquino[3,2-a]isoquinolin-5-ium' KPT 
4 water                                                                             HOH 
# 
_pdbx_initial_refinement_model.id               1 
_pdbx_initial_refinement_model.entity_id_list   ? 
_pdbx_initial_refinement_model.type             'experimental model' 
_pdbx_initial_refinement_model.source_name      PDB 
_pdbx_initial_refinement_model.accession_code   3NP6 
_pdbx_initial_refinement_model.details          'PDB ENTRY 3NP6' 
# 
loop_
_pdbx_reflns_twin.domain_id 
_pdbx_reflns_twin.crystal_id 
_pdbx_reflns_twin.diffrn_id 
_pdbx_reflns_twin.fraction 
_pdbx_reflns_twin.operator 
_pdbx_reflns_twin.type 
_pdbx_reflns_twin.mean_F_square_over_mean_F2 
_pdbx_reflns_twin.mean_I2_over_mean_I_square 
1 1 1 0.789 'H,  K,  L' ? ? ? 
2 1 1 0.211 h+k,-k,-l   ? ? ? 
# 
